data_8I1Z
#
_entry.id   8I1Z
#
_cell.length_a   61.790
_cell.length_b   80.150
_cell.length_c   78.700
_cell.angle_alpha   90.00
_cell.angle_beta   105.77
_cell.angle_gamma   90.00
#
_symmetry.space_group_name_H-M   'P 1 21 1'
#
loop_
_entity.id
_entity.type
_entity.pdbx_description
1 polymer 'Tryptophan--tRNA ligase'
2 non-polymer 1-(2,3-dihydro-1-benzofuran-5-yl)ethanone
3 non-polymer 'SULFATE ION'
4 non-polymer "TRYPTOPHANYL-5'AMP"
5 water water
#
_entity_poly.entity_id   1
_entity_poly.type   'polypeptide(L)'
_entity_poly.pdbx_seq_one_letter_code
;MTKPIVFSGAQPSGELTIGNYMGALRQWVNMQDDYHCIYCIVDQHAITVRQDAQKLRKATLDTLALYLACGIDPEKSTIF
VQSHVPEHAQLGWALNCYTYFGELSRMTQFKDKSARYAENINAGLFDYPVLMAADILLYQTNLVPVGEDQKQHLELSRDI
AQRFNALYGEIFKVPEPFIPKSGARVMSLLEPTKKMSKSDDNRNNVIGLLEDPKSVVKKIKRAVTDSDEPPVVRYDVQNK
AGVSNLLDILSAVTGQSIPELEKQFEGKMYGHLKGEVADAVSGMLTELQERYHRFRNDEAFLQQVMKDGAEKASAHASRT
LKAVYEAIGFVAKRHHHHHH
;
_entity_poly.pdbx_strand_id   A,B
#
# COMPACT_ATOMS: atom_id res chain seq x y z
N LYS A 3 0.05 -5.62 30.13
CA LYS A 3 0.98 -4.48 29.87
C LYS A 3 0.49 -3.68 28.65
N PRO A 4 0.67 -2.34 28.67
CA PRO A 4 0.35 -1.59 27.44
C PRO A 4 1.33 -1.92 26.30
N ILE A 5 0.83 -1.87 25.08
CA ILE A 5 1.61 -2.16 23.89
C ILE A 5 2.21 -0.86 23.36
N VAL A 6 3.52 -0.91 23.11
CA VAL A 6 4.29 0.25 22.64
C VAL A 6 4.87 -0.07 21.28
N PHE A 7 4.64 0.80 20.29
CA PHE A 7 5.16 0.59 18.94
C PHE A 7 6.19 1.64 18.55
N SER A 8 7.32 1.18 18.04
CA SER A 8 8.41 2.04 17.55
C SER A 8 8.89 1.56 16.19
N GLY A 9 8.96 2.49 15.24
CA GLY A 9 9.52 2.22 13.91
C GLY A 9 10.98 2.66 13.86
N ALA A 10 11.86 1.74 13.45
CA ALA A 10 13.30 2.02 13.34
C ALA A 10 13.72 2.09 11.88
N GLN A 11 14.20 3.25 11.45
CA GLN A 11 14.63 3.46 10.06
C GLN A 11 15.96 2.73 9.80
N PRO A 12 16.02 1.85 8.77
CA PRO A 12 17.29 1.20 8.39
C PRO A 12 18.10 2.13 7.49
N SER A 13 18.68 3.16 8.10
CA SER A 13 19.28 4.26 7.36
C SER A 13 20.16 5.12 8.25
N GLY A 14 19.59 5.60 9.35
CA GLY A 14 20.34 6.41 10.30
C GLY A 14 21.44 5.63 11.00
N GLU A 15 22.61 6.26 11.12
CA GLU A 15 23.64 5.81 12.05
C GLU A 15 23.30 6.51 13.35
N LEU A 16 22.99 5.73 14.38
CA LEU A 16 22.54 6.30 15.65
C LEU A 16 23.67 7.04 16.36
N THR A 17 23.32 8.10 17.07
CA THR A 17 24.28 8.91 17.84
C THR A 17 24.17 8.63 19.34
N ILE A 18 25.08 9.21 20.10
CA ILE A 18 25.00 9.15 21.56
C ILE A 18 23.75 9.86 22.10
N GLY A 19 23.26 10.87 21.38
CA GLY A 19 21.97 11.49 21.67
C GLY A 19 20.81 10.50 21.60
N ASN A 20 20.77 9.72 20.52
CA ASN A 20 19.75 8.69 20.34
C ASN A 20 19.83 7.63 21.43
N TYR A 21 21.05 7.21 21.75
CA TYR A 21 21.26 6.14 22.72
C TYR A 21 20.95 6.57 24.16
N MET A 22 21.60 7.63 24.63
CA MET A 22 21.44 8.09 26.01
C MET A 22 20.10 8.79 26.25
N GLY A 23 19.45 9.24 25.16
CA GLY A 23 18.09 9.70 25.21
C GLY A 23 17.11 8.54 25.19
N ALA A 24 16.43 8.37 24.07
CA ALA A 24 15.29 7.46 23.97
C ALA A 24 15.66 5.98 24.15
N LEU A 25 16.75 5.53 23.55
CA LEU A 25 17.07 4.10 23.56
C LEU A 25 17.34 3.54 24.95
N ARG A 26 18.20 4.22 25.71
CA ARG A 26 18.49 3.80 27.08
C ARG A 26 17.23 3.86 27.95
N GLN A 27 16.46 4.94 27.83
CA GLN A 27 15.12 5.07 28.47
C GLN A 27 14.29 3.80 28.22
N TRP A 28 14.18 3.41 26.95
CA TRP A 28 13.31 2.30 26.56
C TRP A 28 13.88 0.91 26.85
N VAL A 29 15.20 0.76 26.74
CA VAL A 29 15.86 -0.50 27.12
C VAL A 29 15.50 -0.90 28.56
N ASN A 30 15.39 0.08 29.46
CA ASN A 30 15.08 -0.17 30.87
C ASN A 30 13.58 -0.28 31.21
N MET A 31 12.71 -0.28 30.20
CA MET A 31 11.25 -0.42 30.41
C MET A 31 10.65 -1.62 29.66
N GLN A 32 11.49 -2.61 29.33
CA GLN A 32 11.03 -3.76 28.53
C GLN A 32 10.13 -4.73 29.28
N ASP A 33 10.17 -4.73 30.61
CA ASP A 33 9.24 -5.53 31.41
C ASP A 33 8.00 -4.77 31.85
N ASP A 34 8.03 -3.44 31.72
CA ASP A 34 6.88 -2.58 32.04
C ASP A 34 5.83 -2.56 30.94
N TYR A 35 6.29 -2.65 29.69
CA TYR A 35 5.43 -2.58 28.52
C TYR A 35 5.71 -3.75 27.59
N HIS A 36 4.77 -3.99 26.68
CA HIS A 36 4.95 -4.91 25.57
C HIS A 36 5.48 -4.04 24.42
N CYS A 37 6.82 -4.01 24.28
CA CYS A 37 7.47 -3.12 23.32
C CYS A 37 7.68 -3.83 21.98
N ILE A 38 7.32 -3.13 20.91
CA ILE A 38 7.47 -3.63 19.55
C ILE A 38 8.43 -2.70 18.81
N TYR A 39 9.47 -3.29 18.21
CA TYR A 39 10.42 -2.56 17.36
C TYR A 39 10.35 -3.09 15.95
N CYS A 40 9.89 -2.25 15.03
CA CYS A 40 9.69 -2.63 13.64
C CYS A 40 10.74 -1.92 12.78
N ILE A 41 11.62 -2.69 12.14
CA ILE A 41 12.63 -2.09 11.25
C ILE A 41 11.95 -1.82 9.92
N VAL A 42 11.71 -0.54 9.62
CA VAL A 42 10.77 -0.13 8.58
C VAL A 42 11.39 -0.03 7.17
N ASP A 43 11.75 -1.19 6.62
CA ASP A 43 12.31 -1.24 5.28
C ASP A 43 11.32 -0.82 4.18
N GLN A 44 10.01 -1.08 4.38
CA GLN A 44 9.01 -0.60 3.40
C GLN A 44 8.86 0.91 3.39
N HIS A 45 9.10 1.57 4.52
CA HIS A 45 9.17 3.04 4.55
C HIS A 45 10.43 3.58 3.87
N ALA A 46 11.55 2.87 4.00
CA ALA A 46 12.84 3.31 3.46
C ALA A 46 12.82 3.54 1.94
N ILE A 47 12.11 2.67 1.21
CA ILE A 47 12.08 2.71 -0.26
C ILE A 47 11.28 3.86 -0.88
N THR A 48 10.66 4.71 -0.06
CA THR A 48 10.07 5.96 -0.54
C THR A 48 11.16 6.95 -1.03
N VAL A 49 12.41 6.71 -0.62
CA VAL A 49 13.58 7.41 -1.13
C VAL A 49 14.42 6.41 -1.90
N ARG A 50 14.61 6.65 -3.19
CA ARG A 50 15.41 5.78 -4.04
C ARG A 50 16.80 5.64 -3.48
N GLN A 51 17.30 4.41 -3.41
CA GLN A 51 18.62 4.15 -2.85
C GLN A 51 19.19 2.82 -3.33
N ASP A 52 20.48 2.64 -3.09
CA ASP A 52 21.18 1.42 -3.48
C ASP A 52 20.62 0.22 -2.73
N ALA A 53 20.36 -0.85 -3.48
CA ALA A 53 19.67 -2.03 -2.94
C ALA A 53 20.52 -2.81 -1.94
N GLN A 54 21.79 -3.02 -2.28
CA GLN A 54 22.69 -3.77 -1.40
C GLN A 54 22.98 -3.00 -0.10
N LYS A 55 23.06 -1.66 -0.19
CA LYS A 55 23.21 -0.82 1.01
C LYS A 55 21.98 -0.87 1.93
N LEU A 56 20.78 -1.01 1.35
CA LEU A 56 19.55 -1.13 2.14
C LEU A 56 19.50 -2.46 2.90
N ARG A 57 19.85 -3.55 2.22
CA ARG A 57 19.93 -4.86 2.87
C ARG A 57 20.92 -4.80 4.03
N LYS A 58 22.11 -4.26 3.76
CA LYS A 58 23.15 -4.08 4.77
C LYS A 58 22.68 -3.25 5.96
N ALA A 59 22.06 -2.10 5.68
CA ALA A 59 21.56 -1.17 6.71
C ALA A 59 20.45 -1.75 7.57
N THR A 60 19.62 -2.63 7.00
CA THR A 60 18.60 -3.36 7.75
C THR A 60 19.24 -4.23 8.82
N LEU A 61 20.26 -5.01 8.42
CA LEU A 61 21.00 -5.86 9.34
C LEU A 61 21.84 -5.04 10.33
N ASP A 62 22.41 -3.92 9.88
CA ASP A 62 23.17 -3.02 10.76
C ASP A 62 22.26 -2.50 11.87
N THR A 63 21.06 -2.06 11.50
CA THR A 63 20.09 -1.52 12.45
C THR A 63 19.62 -2.58 13.45
N LEU A 64 19.30 -3.78 12.95
CA LEU A 64 18.93 -4.90 13.84
C LEU A 64 20.01 -5.17 14.89
N ALA A 65 21.27 -5.30 14.43
CA ALA A 65 22.38 -5.62 15.33
C ALA A 65 22.62 -4.51 16.36
N LEU A 66 22.43 -3.25 15.96
CA LEU A 66 22.65 -2.10 16.84
C LEU A 66 21.59 -1.98 17.94
N TYR A 67 20.33 -2.20 17.58
CA TYR A 67 19.24 -2.24 18.58
C TYR A 67 19.48 -3.38 19.57
N LEU A 68 19.87 -4.55 19.07
CA LEU A 68 20.24 -5.67 19.96
C LEU A 68 21.43 -5.31 20.86
N ALA A 69 22.44 -4.65 20.29
CA ALA A 69 23.64 -4.23 21.05
C ALA A 69 23.31 -3.20 22.12
N CYS A 70 22.40 -2.27 21.81
CA CYS A 70 21.94 -1.27 22.78
C CYS A 70 21.12 -1.85 23.94
N GLY A 71 20.65 -3.09 23.78
CA GLY A 71 20.00 -3.83 24.85
C GLY A 71 18.55 -4.20 24.64
N ILE A 72 18.04 -4.04 23.42
CA ILE A 72 16.71 -4.57 23.09
C ILE A 72 16.82 -6.09 23.15
N ASP A 73 15.96 -6.69 23.96
CA ASP A 73 15.99 -8.10 24.26
C ASP A 73 14.88 -8.74 23.43
N PRO A 74 15.23 -9.64 22.48
CA PRO A 74 14.19 -10.27 21.66
C PRO A 74 13.30 -11.30 22.40
N GLU A 75 13.69 -11.70 23.62
CA GLU A 75 12.85 -12.55 24.48
C GLU A 75 11.82 -11.75 25.30
N LYS A 76 12.07 -10.47 25.50
CA LYS A 76 11.14 -9.56 26.19
C LYS A 76 10.32 -8.73 25.21
N SER A 77 11.01 -8.13 24.25
CA SER A 77 10.37 -7.28 23.23
C SER A 77 10.23 -8.05 21.92
N THR A 78 9.39 -7.52 21.05
CA THR A 78 9.23 -8.04 19.69
C THR A 78 10.04 -7.14 18.76
N ILE A 79 11.03 -7.70 18.08
CA ILE A 79 11.81 -6.97 17.09
C ILE A 79 11.78 -7.73 15.77
N PHE A 80 11.40 -7.05 14.69
CA PHE A 80 11.22 -7.67 13.38
C PHE A 80 11.41 -6.68 12.23
N VAL A 81 11.53 -7.24 11.02
CA VAL A 81 11.66 -6.46 9.79
C VAL A 81 10.25 -6.32 9.19
N GLN A 82 9.85 -5.07 8.93
CA GLN A 82 8.50 -4.72 8.46
C GLN A 82 8.01 -5.59 7.29
N SER A 83 8.86 -5.73 6.26
CA SER A 83 8.52 -6.48 5.05
C SER A 83 8.28 -7.98 5.27
N HIS A 84 8.73 -8.52 6.41
CA HIS A 84 8.49 -9.91 6.79
C HIS A 84 7.07 -10.19 7.26
N VAL A 85 6.25 -9.14 7.45
CA VAL A 85 4.89 -9.28 7.95
C VAL A 85 3.95 -8.65 6.91
N PRO A 86 3.37 -9.48 6.01
CA PRO A 86 2.51 -8.97 4.93
C PRO A 86 1.34 -8.10 5.37
N GLU A 87 0.85 -8.32 6.59
CA GLU A 87 -0.29 -7.61 7.14
C GLU A 87 -0.13 -6.08 7.16
N HIS A 88 1.12 -5.59 7.22
CA HIS A 88 1.36 -4.14 7.16
C HIS A 88 0.82 -3.54 5.86
N ALA A 89 1.26 -4.11 4.73
CA ALA A 89 0.79 -3.68 3.42
C ALA A 89 -0.70 -3.94 3.21
N GLN A 90 -1.18 -5.08 3.69
CA GLN A 90 -2.61 -5.43 3.59
C GLN A 90 -3.48 -4.40 4.31
N LEU A 91 -3.14 -4.09 5.57
CA LEU A 91 -3.92 -3.12 6.33
C LEU A 91 -3.76 -1.74 5.74
N GLY A 92 -2.55 -1.41 5.31
CA GLY A 92 -2.27 -0.13 4.69
C GLY A 92 -3.15 0.18 3.50
N TRP A 93 -3.35 -0.80 2.62
CA TRP A 93 -4.29 -0.61 1.51
C TRP A 93 -5.70 -0.36 2.03
N ALA A 94 -6.16 -1.20 2.94
CA ALA A 94 -7.50 -1.05 3.50
C ALA A 94 -7.70 0.36 4.09
N LEU A 95 -6.74 0.83 4.87
CA LEU A 95 -6.85 2.14 5.51
C LEU A 95 -6.75 3.31 4.54
N ASN A 96 -6.02 3.10 3.44
CA ASN A 96 -6.03 4.03 2.29
C ASN A 96 -7.46 4.40 1.86
N CYS A 97 -8.36 3.41 1.87
CA CYS A 97 -9.77 3.63 1.49
C CYS A 97 -10.62 4.35 2.54
N TYR A 98 -10.07 4.55 3.75
CA TYR A 98 -10.72 5.31 4.83
C TYR A 98 -9.92 6.55 5.23
N THR A 99 -8.99 6.96 4.37
CA THR A 99 -8.16 8.14 4.56
C THR A 99 -8.51 9.14 3.47
N TYR A 100 -8.83 10.37 3.85
CA TYR A 100 -9.14 11.41 2.86
C TYR A 100 -7.87 11.80 2.10
N PHE A 101 -8.00 11.98 0.79
CA PHE A 101 -6.92 12.54 -0.03
C PHE A 101 -6.46 13.89 0.55
N GLY A 102 -7.42 14.72 0.95
CA GLY A 102 -7.15 16.00 1.58
C GLY A 102 -6.25 15.94 2.81
N GLU A 103 -6.45 14.92 3.65
CA GLU A 103 -5.61 14.72 4.85
C GLU A 103 -4.13 14.52 4.52
N LEU A 104 -3.86 13.75 3.46
CA LEU A 104 -2.49 13.51 3.01
C LEU A 104 -1.85 14.74 2.35
N SER A 105 -2.62 15.48 1.56
CA SER A 105 -2.12 16.70 0.92
C SER A 105 -1.90 17.82 1.95
N ARG A 106 -2.70 17.83 3.02
CA ARG A 106 -2.56 18.80 4.13
C ARG A 106 -1.41 18.49 5.10
N MET A 107 -0.70 17.37 4.93
CA MET A 107 0.49 17.07 5.75
C MET A 107 1.58 18.10 5.45
N THR A 108 2.36 18.47 6.47
CA THR A 108 3.31 19.57 6.36
C THR A 108 4.46 19.30 5.38
N GLN A 109 4.95 18.06 5.35
CA GLN A 109 6.00 17.61 4.41
C GLN A 109 7.32 18.32 4.65
N TYR A 117 6.58 20.31 -9.29
CA TYR A 117 6.71 20.56 -7.85
C TYR A 117 6.32 19.30 -7.07
N ALA A 118 5.01 19.08 -6.91
CA ALA A 118 4.47 17.85 -6.34
C ALA A 118 4.25 16.77 -7.40
N GLU A 119 4.33 17.14 -8.68
CA GLU A 119 4.13 16.21 -9.80
C GLU A 119 5.19 15.12 -9.90
N ASN A 120 6.42 15.42 -9.46
CA ASN A 120 7.55 14.48 -9.56
C ASN A 120 7.95 13.76 -8.27
N ILE A 121 7.16 13.94 -7.20
CA ILE A 121 7.39 13.18 -5.97
C ILE A 121 6.82 11.79 -6.23
N ASN A 122 7.42 10.74 -5.67
CA ASN A 122 6.84 9.40 -5.85
C ASN A 122 5.63 9.23 -4.92
N ALA A 123 4.69 8.40 -5.34
CA ALA A 123 3.42 8.22 -4.62
C ALA A 123 3.62 7.66 -3.21
N GLY A 124 4.69 6.90 -3.00
CA GLY A 124 5.05 6.40 -1.67
C GLY A 124 5.29 7.51 -0.65
N LEU A 125 5.98 8.56 -1.08
CA LEU A 125 6.26 9.71 -0.23
C LEU A 125 4.99 10.48 0.15
N PHE A 126 3.99 10.46 -0.74
CA PHE A 126 2.68 11.06 -0.47
C PHE A 126 1.84 10.19 0.49
N ASP A 127 1.94 8.88 0.32
CA ASP A 127 1.01 7.93 0.92
C ASP A 127 1.55 7.22 2.19
N TYR A 128 2.82 7.40 2.52
CA TYR A 128 3.44 6.67 3.64
C TYR A 128 2.81 6.91 5.02
N PRO A 129 2.16 8.08 5.26
CA PRO A 129 1.48 8.20 6.57
C PRO A 129 0.39 7.16 6.82
N VAL A 130 -0.23 6.66 5.74
CA VAL A 130 -1.25 5.62 5.85
C VAL A 130 -0.59 4.30 6.26
N LEU A 131 0.56 3.99 5.66
CA LEU A 131 1.34 2.81 6.06
C LEU A 131 1.79 2.91 7.52
N MET A 132 2.22 4.10 7.93
CA MET A 132 2.56 4.36 9.34
C MET A 132 1.39 4.07 10.26
N ALA A 133 0.19 4.53 9.87
CA ALA A 133 -1.01 4.24 10.66
C ALA A 133 -1.27 2.74 10.75
N ALA A 134 -1.14 2.05 9.63
CA ALA A 134 -1.30 0.60 9.60
C ALA A 134 -0.29 -0.10 10.52
N ASP A 135 0.97 0.33 10.46
CA ASP A 135 2.04 -0.19 11.34
C ASP A 135 1.60 -0.18 12.81
N ILE A 136 1.04 0.95 13.25
CA ILE A 136 0.61 1.16 14.65
C ILE A 136 -0.67 0.38 14.98
N LEU A 137 -1.70 0.56 14.15
CA LEU A 137 -3.02 -0.01 14.44
C LEU A 137 -3.05 -1.54 14.41
N LEU A 138 -2.18 -2.15 13.60
CA LEU A 138 -2.07 -3.62 13.54
C LEU A 138 -1.91 -4.30 14.89
N TYR A 139 -1.15 -3.69 15.80
CA TYR A 139 -0.75 -4.34 17.05
C TYR A 139 -1.56 -3.91 18.27
N GLN A 140 -2.72 -3.28 18.04
CA GLN A 140 -3.56 -2.78 19.14
C GLN A 140 -2.72 -1.89 20.06
N THR A 141 -1.92 -1.03 19.44
CA THR A 141 -0.92 -0.22 20.13
C THR A 141 -1.60 0.82 21.02
N ASN A 142 -1.12 0.91 22.27
CA ASN A 142 -1.59 1.89 23.24
C ASN A 142 -0.75 3.17 23.19
N LEU A 143 0.56 3.01 23.04
CA LEU A 143 1.51 4.12 23.16
C LEU A 143 2.51 4.15 22.01
N VAL A 144 2.76 5.35 21.50
CA VAL A 144 3.74 5.56 20.43
C VAL A 144 4.69 6.69 20.83
N PRO A 145 5.98 6.39 21.03
CA PRO A 145 6.92 7.49 21.21
C PRO A 145 7.17 8.18 19.87
N VAL A 146 6.82 9.45 19.77
CA VAL A 146 7.02 10.23 18.53
C VAL A 146 7.86 11.46 18.83
N GLY A 147 8.71 11.80 17.85
CA GLY A 147 9.37 13.11 17.83
C GLY A 147 8.39 14.14 17.28
N GLU A 148 8.73 15.41 17.44
CA GLU A 148 7.89 16.52 16.98
C GLU A 148 7.50 16.38 15.49
N ASP A 149 8.48 15.98 14.68
CA ASP A 149 8.32 15.73 13.23
C ASP A 149 7.21 14.73 12.81
N GLN A 150 6.87 13.79 13.70
CA GLN A 150 5.83 12.79 13.40
C GLN A 150 4.58 12.85 14.30
N LYS A 151 4.34 14.01 14.91
CA LYS A 151 3.11 14.24 15.69
C LYS A 151 1.89 14.31 14.79
N GLN A 152 2.03 14.96 13.63
CA GLN A 152 0.95 15.01 12.63
C GLN A 152 0.55 13.61 12.14
N HIS A 153 1.55 12.73 12.01
CA HIS A 153 1.34 11.37 11.53
C HIS A 153 0.60 10.53 12.58
N LEU A 154 0.96 10.71 13.84
CA LEU A 154 0.23 10.06 14.93
C LEU A 154 -1.22 10.55 15.00
N GLU A 155 -1.44 11.84 14.82
CA GLU A 155 -2.81 12.38 14.83
C GLU A 155 -3.65 11.80 13.70
N LEU A 156 -3.07 11.64 12.52
CA LEU A 156 -3.77 10.97 11.40
C LEU A 156 -4.15 9.53 11.77
N SER A 157 -3.24 8.79 12.40
CA SER A 157 -3.50 7.40 12.83
C SER A 157 -4.66 7.33 13.82
N ARG A 158 -4.72 8.31 14.73
CA ARG A 158 -5.81 8.40 15.69
C ARG A 158 -7.15 8.70 15.01
N ASP A 159 -7.13 9.62 14.04
CA ASP A 159 -8.33 9.97 13.28
C ASP A 159 -8.86 8.80 12.45
N ILE A 160 -7.96 8.09 11.80
CA ILE A 160 -8.31 6.88 11.04
C ILE A 160 -8.92 5.82 11.95
N ALA A 161 -8.29 5.59 13.10
CA ALA A 161 -8.77 4.59 14.07
C ALA A 161 -10.18 4.91 14.56
N GLN A 162 -10.41 6.16 14.93
CA GLN A 162 -11.73 6.60 15.42
C GLN A 162 -12.80 6.54 14.32
N ARG A 163 -12.43 6.96 13.11
CA ARG A 163 -13.32 6.90 11.95
C ARG A 163 -13.77 5.48 11.63
N PHE A 164 -12.80 4.56 11.55
CA PHE A 164 -13.07 3.15 11.30
C PHE A 164 -13.91 2.54 12.43
N ASN A 165 -13.52 2.81 13.67
CA ASN A 165 -14.26 2.30 14.84
C ASN A 165 -15.71 2.81 14.88
N ALA A 166 -15.90 4.06 14.49
CA ALA A 166 -17.23 4.68 14.45
C ALA A 166 -18.15 3.95 13.45
N LEU A 167 -17.58 3.50 12.33
CA LEU A 167 -18.34 2.74 11.33
C LEU A 167 -18.58 1.29 11.73
N TYR A 168 -17.57 0.63 12.32
CA TYR A 168 -17.55 -0.83 12.43
C TYR A 168 -17.50 -1.45 13.83
N GLY A 169 -17.39 -0.64 14.88
CA GLY A 169 -17.21 -1.14 16.25
C GLY A 169 -15.78 -0.96 16.70
N GLU A 170 -15.46 -1.39 17.92
CA GLU A 170 -14.14 -1.14 18.49
C GLU A 170 -13.11 -2.16 17.98
N ILE A 171 -12.70 -1.98 16.74
CA ILE A 171 -11.74 -2.84 16.06
C ILE A 171 -10.31 -2.46 16.47
N PHE A 172 -10.03 -1.16 16.48
CA PHE A 172 -8.71 -0.61 16.79
C PHE A 172 -8.68 0.06 18.17
N LYS A 173 -7.53 -0.03 18.83
CA LYS A 173 -7.20 0.86 19.94
C LYS A 173 -6.81 2.20 19.37
N VAL A 174 -7.27 3.28 20.00
CA VAL A 174 -6.84 4.62 19.64
C VAL A 174 -5.50 4.85 20.33
N PRO A 175 -4.38 4.93 19.58
CA PRO A 175 -3.08 5.09 20.23
C PRO A 175 -2.89 6.49 20.84
N GLU A 176 -2.04 6.58 21.87
CA GLU A 176 -1.67 7.85 22.49
C GLU A 176 -0.17 8.08 22.35
N PRO A 177 0.25 9.37 22.31
CA PRO A 177 1.68 9.63 22.37
C PRO A 177 2.25 9.24 23.74
N PHE A 178 3.48 8.72 23.74
CA PHE A 178 4.19 8.51 24.99
C PHE A 178 4.80 9.85 25.36
N ILE A 179 4.27 10.48 26.40
CA ILE A 179 4.62 11.89 26.69
C ILE A 179 5.98 12.09 27.38
N PRO A 180 6.26 11.37 28.48
CA PRO A 180 7.50 11.66 29.24
C PRO A 180 8.78 11.43 28.43
N LYS A 181 9.68 12.42 28.45
CA LYS A 181 10.91 12.39 27.65
C LYS A 181 12.13 12.00 28.47
N SER A 182 13.18 11.60 27.75
CA SER A 182 14.36 10.91 28.31
C SER A 182 15.06 11.58 29.49
N GLY A 183 15.26 12.89 29.40
CA GLY A 183 15.95 13.65 30.46
C GLY A 183 17.42 13.92 30.20
N ALA A 184 18.05 13.08 29.37
CA ALA A 184 19.43 13.31 28.92
C ALA A 184 19.44 14.38 27.83
N ARG A 185 20.23 15.44 28.02
CA ARG A 185 20.38 16.51 27.04
C ARG A 185 21.70 16.32 26.28
N VAL A 186 21.61 16.23 24.94
CA VAL A 186 22.79 16.06 24.08
C VAL A 186 22.68 16.95 22.86
N MET A 187 23.46 18.04 22.84
CA MET A 187 23.43 19.03 21.77
C MET A 187 24.59 18.84 20.79
N SER A 188 24.49 19.53 19.66
CA SER A 188 25.49 19.43 18.58
C SER A 188 26.81 20.06 19.02
N LEU A 189 27.92 19.40 18.68
CA LEU A 189 29.24 19.77 19.20
C LEU A 189 29.72 21.14 18.70
N LEU A 190 29.44 21.46 17.44
CA LEU A 190 29.82 22.76 16.86
C LEU A 190 28.68 23.79 16.84
N GLU A 191 27.48 23.39 17.29
CA GLU A 191 26.32 24.30 17.43
C GLU A 191 25.48 23.87 18.64
N PRO A 192 25.94 24.19 19.87
CA PRO A 192 25.26 23.67 21.08
C PRO A 192 23.83 24.18 21.37
N THR A 193 23.34 25.13 20.58
CA THR A 193 21.92 25.52 20.63
C THR A 193 21.00 24.47 19.96
N LYS A 194 21.55 23.78 18.96
CA LYS A 194 20.83 22.79 18.16
C LYS A 194 21.06 21.38 18.72
N LYS A 195 20.01 20.56 18.75
CA LYS A 195 20.10 19.21 19.32
C LYS A 195 20.93 18.29 18.42
N MET A 196 21.68 17.38 19.04
CA MET A 196 22.45 16.40 18.28
C MET A 196 21.44 15.44 17.66
N SER A 197 21.42 15.41 16.34
CA SER A 197 20.46 14.64 15.58
C SER A 197 21.21 13.76 14.58
N LYS A 198 20.77 12.51 14.45
CA LYS A 198 21.28 11.60 13.40
C LYS A 198 21.14 12.18 11.99
N SER A 199 20.08 12.98 11.78
CA SER A 199 19.79 13.59 10.48
C SER A 199 20.69 14.79 10.10
N ASP A 200 21.54 15.25 11.02
CA ASP A 200 22.47 16.38 10.77
C ASP A 200 23.37 16.10 9.56
N ASP A 201 23.53 17.12 8.71
CA ASP A 201 24.41 17.04 7.54
C ASP A 201 25.88 17.01 7.96
N ASN A 202 26.28 17.98 8.78
CA ASN A 202 27.64 18.07 9.33
C ASN A 202 27.85 17.00 10.41
N ARG A 203 28.65 15.98 10.09
CA ARG A 203 28.87 14.86 11.01
C ARG A 203 29.91 15.13 12.12
N ASN A 204 30.58 16.28 12.08
CA ASN A 204 31.39 16.73 13.22
C ASN A 204 30.54 17.27 14.38
N ASN A 205 29.27 17.54 14.13
CA ASN A 205 28.30 17.84 15.19
C ASN A 205 27.90 16.61 16.03
N VAL A 206 28.14 15.39 15.52
CA VAL A 206 27.64 14.16 16.16
C VAL A 206 28.76 13.21 16.56
N ILE A 207 28.47 12.34 17.53
CA ILE A 207 29.29 11.17 17.83
C ILE A 207 28.42 9.94 17.57
N GLY A 208 28.75 9.20 16.51
CA GLY A 208 28.08 7.94 16.19
C GLY A 208 28.45 6.85 17.16
N LEU A 209 27.56 5.87 17.32
CA LEU A 209 27.77 4.78 18.29
C LEU A 209 28.93 3.85 17.94
N LEU A 210 29.35 3.82 16.67
CA LEU A 210 30.45 2.97 16.22
C LEU A 210 31.81 3.69 16.09
N GLU A 211 31.90 4.94 16.55
CA GLU A 211 33.15 5.70 16.45
C GLU A 211 34.22 5.17 17.41
N ASP A 212 35.45 5.06 16.90
CA ASP A 212 36.59 4.59 17.71
C ASP A 212 37.12 5.72 18.60
N PRO A 213 37.88 5.39 19.66
CA PRO A 213 38.39 6.40 20.61
C PRO A 213 39.12 7.61 20.00
N LYS A 214 39.89 7.41 18.94
CA LYS A 214 40.63 8.51 18.28
C LYS A 214 39.68 9.51 17.60
N SER A 215 38.60 9.00 17.02
CA SER A 215 37.59 9.86 16.39
C SER A 215 36.82 10.69 17.43
N VAL A 216 36.53 10.09 18.58
CA VAL A 216 35.81 10.77 19.67
C VAL A 216 36.67 11.89 20.27
N VAL A 217 37.92 11.57 20.61
CA VAL A 217 38.90 12.56 21.08
C VAL A 217 38.96 13.75 20.12
N LYS A 218 39.07 13.45 18.83
CA LYS A 218 39.17 14.47 17.78
C LYS A 218 37.94 15.37 17.68
N LYS A 219 36.76 14.77 17.78
CA LYS A 219 35.50 15.54 17.69
C LYS A 219 35.24 16.36 18.96
N ILE A 220 35.53 15.78 20.12
CA ILE A 220 35.38 16.48 21.40
C ILE A 220 36.40 17.63 21.55
N LYS A 221 37.62 17.44 21.04
CA LYS A 221 38.62 18.53 21.03
C LYS A 221 38.14 19.77 20.26
N ARG A 222 37.43 19.53 19.16
CA ARG A 222 36.88 20.59 18.31
C ARG A 222 35.60 21.25 18.87
N ALA A 223 34.92 20.58 19.80
CA ALA A 223 33.65 21.08 20.36
C ALA A 223 33.76 22.51 20.87
N VAL A 224 32.74 23.32 20.55
CA VAL A 224 32.76 24.76 20.85
C VAL A 224 32.59 24.97 22.36
N THR A 225 33.28 25.99 22.89
CA THR A 225 33.17 26.33 24.31
C THR A 225 32.85 27.83 24.41
N ASP A 226 33.71 28.63 25.03
CA ASP A 226 33.49 30.07 25.17
C ASP A 226 34.82 30.75 25.50
N SER A 227 34.81 32.07 25.54
CA SER A 227 36.02 32.85 25.78
C SER A 227 36.12 33.38 27.23
N ASP A 228 35.44 32.75 28.18
CA ASP A 228 35.53 33.18 29.60
C ASP A 228 36.98 33.14 30.07
N GLU A 229 37.39 34.17 30.81
CA GLU A 229 38.74 34.28 31.37
C GLU A 229 38.67 34.67 32.85
N PRO A 230 39.14 33.81 33.78
CA PRO A 230 39.67 32.47 33.50
C PRO A 230 38.59 31.53 32.93
N PRO A 231 39.01 30.46 32.23
CA PRO A 231 38.01 29.47 31.86
C PRO A 231 37.39 28.88 33.11
N VAL A 232 36.07 28.70 33.11
CA VAL A 232 35.37 28.17 34.27
C VAL A 232 34.33 27.13 33.81
N VAL A 233 34.42 25.95 34.41
CA VAL A 233 33.52 24.84 34.09
C VAL A 233 32.29 24.98 34.98
N ARG A 234 31.30 25.72 34.46
CA ARG A 234 30.02 25.93 35.14
C ARG A 234 28.87 25.84 34.15
N TYR A 235 27.73 25.33 34.64
CA TYR A 235 26.55 25.10 33.81
C TYR A 235 25.77 26.40 33.62
N ASP A 236 25.60 26.79 32.37
CA ASP A 236 24.91 28.04 32.01
C ASP A 236 24.57 27.94 30.52
N VAL A 237 23.35 27.48 30.24
CA VAL A 237 22.94 27.20 28.86
C VAL A 237 22.91 28.47 27.98
N GLN A 238 22.61 29.62 28.59
CA GLN A 238 22.49 30.87 27.83
C GLN A 238 23.85 31.46 27.44
N ASN A 239 24.75 31.56 28.41
CA ASN A 239 26.06 32.20 28.22
C ASN A 239 27.19 31.20 27.89
N LYS A 240 27.04 29.95 28.31
CA LYS A 240 28.07 28.92 28.15
C LYS A 240 27.47 27.63 27.58
N ALA A 241 26.85 27.75 26.41
CA ALA A 241 26.15 26.62 25.76
C ALA A 241 27.07 25.41 25.53
N GLY A 242 28.28 25.66 25.04
CA GLY A 242 29.25 24.62 24.75
C GLY A 242 29.75 23.83 25.94
N VAL A 243 30.18 24.54 26.99
CA VAL A 243 30.64 23.91 28.23
C VAL A 243 29.49 23.16 28.90
N SER A 244 28.29 23.77 28.88
CA SER A 244 27.08 23.15 29.42
C SER A 244 26.74 21.84 28.73
N ASN A 245 26.87 21.82 27.41
CA ASN A 245 26.65 20.61 26.62
C ASN A 245 27.64 19.50 27.01
N LEU A 246 28.91 19.86 27.16
CA LEU A 246 29.94 18.88 27.58
C LEU A 246 29.65 18.32 28.98
N LEU A 247 29.15 19.16 29.88
CA LEU A 247 28.76 18.72 31.21
C LEU A 247 27.55 17.78 31.17
N ASP A 248 26.53 18.15 30.38
CA ASP A 248 25.34 17.30 30.22
C ASP A 248 25.68 15.93 29.62
N ILE A 249 26.56 15.92 28.62
CA ILE A 249 27.05 14.66 28.04
C ILE A 249 27.77 13.83 29.10
N LEU A 250 28.69 14.45 29.84
CA LEU A 250 29.45 13.73 30.87
C LEU A 250 28.52 13.18 31.96
N SER A 251 27.56 14.01 32.38
CA SER A 251 26.57 13.60 33.38
C SER A 251 25.70 12.42 32.91
N ALA A 252 25.29 12.47 31.65
CA ALA A 252 24.50 11.39 31.03
C ALA A 252 25.25 10.06 31.03
N VAL A 253 26.55 10.11 30.73
CA VAL A 253 27.38 8.91 30.67
C VAL A 253 27.63 8.33 32.08
N THR A 254 28.11 9.17 32.99
CA THR A 254 28.59 8.71 34.30
C THR A 254 27.51 8.61 35.39
N GLY A 255 26.45 9.40 35.26
CA GLY A 255 25.42 9.50 36.32
C GLY A 255 25.76 10.46 37.45
N GLN A 256 26.87 11.19 37.33
CA GLN A 256 27.23 12.23 38.29
C GLN A 256 26.39 13.47 38.03
N SER A 257 25.98 14.15 39.09
CA SER A 257 25.17 15.38 38.95
C SER A 257 26.00 16.53 38.41
N ILE A 258 25.33 17.54 37.89
CA ILE A 258 25.97 18.75 37.38
C ILE A 258 26.73 19.48 38.52
N PRO A 259 26.06 19.71 39.68
CA PRO A 259 26.79 20.23 40.85
C PRO A 259 28.06 19.46 41.23
N GLU A 260 28.00 18.13 41.21
CA GLU A 260 29.18 17.30 41.49
C GLU A 260 30.30 17.52 40.48
N LEU A 261 29.93 17.63 39.19
CA LEU A 261 30.92 17.86 38.14
C LEU A 261 31.49 19.28 38.20
N GLU A 262 30.64 20.27 38.48
CA GLU A 262 31.10 21.65 38.69
C GLU A 262 32.15 21.73 39.81
N LYS A 263 31.94 20.97 40.88
CA LYS A 263 32.93 20.81 41.95
C LYS A 263 34.19 20.07 41.47
N GLN A 264 34.00 18.98 40.73
CA GLN A 264 35.12 18.18 40.20
C GLN A 264 36.07 18.96 39.29
N PHE A 265 35.55 19.95 38.56
CA PHE A 265 36.35 20.77 37.63
C PHE A 265 36.64 22.19 38.14
N GLU A 266 36.58 22.40 39.46
CA GLU A 266 36.94 23.68 40.06
C GLU A 266 38.42 23.98 39.80
N GLY A 267 38.69 25.17 39.26
CA GLY A 267 40.06 25.56 38.90
C GLY A 267 40.66 24.84 37.69
N LYS A 268 39.84 24.09 36.95
CA LYS A 268 40.30 23.33 35.79
C LYS A 268 39.89 24.05 34.51
N MET A 269 40.64 23.78 33.44
CA MET A 269 40.42 24.33 32.11
C MET A 269 39.56 23.39 31.24
N TYR A 270 39.14 23.90 30.08
CA TYR A 270 38.26 23.14 29.17
C TYR A 270 38.93 21.93 28.53
N GLY A 271 40.26 21.98 28.36
CA GLY A 271 41.05 20.80 27.98
C GLY A 271 40.83 19.59 28.87
N HIS A 272 40.73 19.81 30.18
CA HIS A 272 40.53 18.74 31.17
C HIS A 272 39.11 18.18 31.04
N LEU A 273 38.13 19.09 30.92
CA LEU A 273 36.74 18.71 30.72
C LEU A 273 36.61 17.81 29.49
N LYS A 274 37.13 18.30 28.36
CA LYS A 274 37.10 17.60 27.07
C LYS A 274 37.75 16.22 27.14
N GLY A 275 38.90 16.14 27.81
CA GLY A 275 39.62 14.88 28.00
C GLY A 275 38.79 13.85 28.72
N GLU A 276 38.10 14.28 29.78
CA GLU A 276 37.22 13.41 30.55
C GLU A 276 35.93 13.02 29.82
N VAL A 277 35.37 13.94 29.04
CA VAL A 277 34.18 13.64 28.22
C VAL A 277 34.51 12.55 27.20
N ALA A 278 35.62 12.72 26.50
CA ALA A 278 36.05 11.76 25.47
C ALA A 278 36.29 10.37 26.05
N ASP A 279 36.97 10.31 27.18
CA ASP A 279 37.23 9.05 27.90
C ASP A 279 35.95 8.39 28.39
N ALA A 280 35.03 9.19 28.93
CA ALA A 280 33.74 8.71 29.41
C ALA A 280 32.89 8.15 28.27
N VAL A 281 32.78 8.91 27.19
CA VAL A 281 32.01 8.50 26.00
C VAL A 281 32.56 7.21 25.39
N SER A 282 33.87 7.17 25.13
CA SER A 282 34.49 5.98 24.52
C SER A 282 34.41 4.74 25.43
N GLY A 283 34.48 4.95 26.74
CA GLY A 283 34.22 3.88 27.72
C GLY A 283 32.83 3.29 27.61
N MET A 284 31.83 4.16 27.40
CA MET A 284 30.44 3.71 27.19
C MET A 284 30.29 2.97 25.86
N LEU A 285 30.89 3.51 24.81
CA LEU A 285 30.82 2.91 23.47
C LEU A 285 31.62 1.61 23.31
N THR A 286 32.47 1.26 24.29
CA THR A 286 33.27 0.02 24.24
C THR A 286 32.42 -1.24 24.35
N GLU A 287 31.61 -1.33 25.40
CA GLU A 287 30.72 -2.48 25.59
C GLU A 287 29.68 -2.58 24.47
N LEU A 288 29.22 -1.41 24.00
CA LEU A 288 28.23 -1.34 22.94
C LEU A 288 28.78 -1.88 21.62
N GLN A 289 29.96 -1.37 21.24
CA GLN A 289 30.62 -1.79 20.00
C GLN A 289 31.06 -3.25 20.04
N GLU A 290 31.51 -3.72 21.20
CA GLU A 290 31.83 -5.15 21.40
C GLU A 290 30.62 -6.02 21.09
N ARG A 291 29.48 -5.68 21.69
CA ARG A 291 28.21 -6.38 21.45
C ARG A 291 27.77 -6.28 19.99
N TYR A 292 27.88 -5.09 19.39
CA TYR A 292 27.48 -4.87 18.00
C TYR A 292 28.23 -5.76 17.01
N HIS A 293 29.55 -5.69 17.04
CA HIS A 293 30.38 -6.45 16.10
C HIS A 293 30.24 -7.96 16.30
N ARG A 294 29.93 -8.40 17.52
CA ARG A 294 29.60 -9.79 17.82
C ARG A 294 28.25 -10.20 17.19
N PHE A 295 27.21 -9.43 17.45
CA PHE A 295 25.87 -9.73 16.92
C PHE A 295 25.78 -9.59 15.41
N ARG A 296 26.40 -8.53 14.88
CA ARG A 296 26.33 -8.23 13.45
C ARG A 296 26.94 -9.32 12.56
N ASN A 297 27.95 -10.01 13.08
CA ASN A 297 28.67 -11.06 12.34
C ASN A 297 28.26 -12.48 12.73
N ASP A 298 27.15 -12.62 13.44
CA ASP A 298 26.55 -13.91 13.75
C ASP A 298 25.27 -14.04 12.92
N GLU A 299 25.43 -14.51 11.68
CA GLU A 299 24.33 -14.61 10.73
C GLU A 299 23.14 -15.43 11.26
N ALA A 300 23.44 -16.57 11.87
CA ALA A 300 22.41 -17.48 12.41
C ALA A 300 21.60 -16.84 13.55
N PHE A 301 22.26 -16.06 14.39
CA PHE A 301 21.61 -15.35 15.49
C PHE A 301 20.65 -14.29 14.95
N LEU A 302 21.09 -13.48 14.00
CA LEU A 302 20.25 -12.45 13.38
C LEU A 302 19.07 -13.08 12.63
N GLN A 303 19.33 -14.16 11.91
CA GLN A 303 18.27 -14.93 11.24
C GLN A 303 17.22 -15.44 12.21
N GLN A 304 17.65 -15.99 13.35
CA GLN A 304 16.72 -16.49 14.36
C GLN A 304 15.92 -15.36 15.01
N VAL A 305 16.57 -14.22 15.28
CA VAL A 305 15.87 -13.06 15.83
C VAL A 305 14.78 -12.58 14.87
N MET A 306 15.11 -12.45 13.59
CA MET A 306 14.14 -11.99 12.59
C MET A 306 12.98 -12.96 12.40
N LYS A 307 13.28 -14.26 12.40
CA LYS A 307 12.27 -15.31 12.26
C LYS A 307 11.31 -15.32 13.44
N ASP A 308 11.86 -15.34 14.65
CA ASP A 308 11.06 -15.35 15.89
C ASP A 308 10.22 -14.09 16.03
N GLY A 309 10.80 -12.94 15.70
CA GLY A 309 10.12 -11.66 15.77
C GLY A 309 8.97 -11.51 14.80
N ALA A 310 9.20 -11.93 13.55
CA ALA A 310 8.15 -11.94 12.54
C ALA A 310 6.99 -12.88 12.92
N GLU A 311 7.33 -14.02 13.53
CA GLU A 311 6.31 -14.98 13.99
C GLU A 311 5.42 -14.40 15.08
N LYS A 312 6.03 -13.75 16.07
CA LYS A 312 5.29 -13.08 17.15
C LYS A 312 4.43 -11.94 16.61
N ALA A 313 5.02 -11.10 15.77
CA ALA A 313 4.30 -9.97 15.17
C ALA A 313 3.14 -10.45 14.29
N SER A 314 3.39 -11.43 13.44
CA SER A 314 2.37 -12.00 12.54
C SER A 314 1.16 -12.55 13.28
N ALA A 315 1.41 -13.22 14.41
CA ALA A 315 0.34 -13.74 15.27
C ALA A 315 -0.62 -12.63 15.72
N HIS A 316 -0.07 -11.51 16.15
CA HIS A 316 -0.86 -10.36 16.59
C HIS A 316 -1.52 -9.64 15.40
N ALA A 317 -0.73 -9.35 14.37
CA ALA A 317 -1.19 -8.63 13.19
C ALA A 317 -2.32 -9.36 12.46
N SER A 318 -2.20 -10.68 12.33
CA SER A 318 -3.22 -11.49 11.68
C SER A 318 -4.60 -11.39 12.36
N ARG A 319 -4.61 -11.34 13.69
CA ARG A 319 -5.86 -11.21 14.45
C ARG A 319 -6.56 -9.87 14.18
N THR A 320 -5.79 -8.79 14.19
CA THR A 320 -6.32 -7.47 13.85
C THR A 320 -6.83 -7.44 12.41
N LEU A 321 -6.03 -7.91 11.47
CA LEU A 321 -6.42 -7.88 10.06
C LEU A 321 -7.68 -8.70 9.78
N LYS A 322 -7.81 -9.84 10.43
CA LYS A 322 -9.01 -10.67 10.29
C LYS A 322 -10.26 -9.89 10.72
N ALA A 323 -10.18 -9.21 11.86
CA ALA A 323 -11.29 -8.37 12.35
C ALA A 323 -11.61 -7.21 11.41
N VAL A 324 -10.57 -6.60 10.84
CA VAL A 324 -10.74 -5.52 9.86
C VAL A 324 -11.45 -6.03 8.60
N TYR A 325 -10.94 -7.14 8.05
CA TYR A 325 -11.51 -7.75 6.85
C TYR A 325 -12.96 -8.20 7.05
N GLU A 326 -13.25 -8.81 8.20
CA GLU A 326 -14.62 -9.18 8.55
C GLU A 326 -15.54 -7.95 8.60
N ALA A 327 -15.05 -6.87 9.20
CA ALA A 327 -15.80 -5.62 9.32
C ALA A 327 -16.10 -4.97 7.96
N ILE A 328 -15.11 -4.92 7.08
CA ILE A 328 -15.29 -4.38 5.72
C ILE A 328 -16.26 -5.25 4.91
N GLY A 329 -16.22 -6.56 5.13
CA GLY A 329 -17.12 -7.50 4.46
C GLY A 329 -16.48 -8.42 3.44
N PHE A 330 -15.14 -8.44 3.36
CA PHE A 330 -14.45 -9.35 2.45
C PHE A 330 -14.79 -10.81 2.77
N VAL A 331 -14.91 -11.60 1.72
CA VAL A 331 -15.07 -13.05 1.87
C VAL A 331 -13.76 -13.59 2.45
N ALA A 332 -13.88 -14.37 3.52
CA ALA A 332 -12.71 -14.90 4.24
C ALA A 332 -11.92 -15.84 3.33
N LYS A 333 -10.59 -15.74 3.38
CA LYS A 333 -9.71 -16.64 2.61
C LYS A 333 -9.99 -18.09 2.99
N ARG A 334 -9.89 -18.97 2.00
CA ARG A 334 -10.08 -20.40 2.17
C ARG A 334 -8.68 -21.01 2.22
N HIS A 335 -8.29 -21.56 3.36
CA HIS A 335 -6.93 -22.07 3.54
C HIS A 335 -6.81 -23.53 3.11
N HIS A 336 -5.65 -23.87 2.53
CA HIS A 336 -5.34 -25.23 2.07
C HIS A 336 -4.38 -25.92 3.02
N THR B 2 5.83 -23.04 -21.80
CA THR B 2 4.60 -22.54 -21.09
C THR B 2 3.89 -21.48 -21.91
N LYS B 3 2.56 -21.40 -21.75
CA LYS B 3 1.73 -20.47 -22.52
C LYS B 3 1.90 -19.03 -22.03
N PRO B 4 1.74 -18.04 -22.93
CA PRO B 4 1.66 -16.66 -22.46
C PRO B 4 0.51 -16.49 -21.46
N ILE B 5 0.64 -15.51 -20.57
CA ILE B 5 -0.28 -15.34 -19.44
C ILE B 5 -1.27 -14.21 -19.70
N VAL B 6 -2.53 -14.48 -19.39
CA VAL B 6 -3.62 -13.50 -19.45
C VAL B 6 -4.07 -13.21 -18.02
N PHE B 7 -4.23 -11.93 -17.69
CA PHE B 7 -4.77 -11.52 -16.40
C PHE B 7 -5.81 -10.41 -16.58
N SER B 8 -6.93 -10.53 -15.87
CA SER B 8 -7.88 -9.42 -15.80
C SER B 8 -8.74 -9.55 -14.56
N GLY B 9 -9.45 -8.48 -14.23
CA GLY B 9 -10.28 -8.45 -13.03
C GLY B 9 -11.50 -7.58 -13.19
N ALA B 10 -12.45 -7.79 -12.28
CA ALA B 10 -13.67 -6.99 -12.21
C ALA B 10 -14.06 -6.82 -10.76
N GLN B 11 -14.68 -5.67 -10.46
CA GLN B 11 -15.03 -5.28 -9.10
C GLN B 11 -16.33 -5.94 -8.63
N PRO B 12 -16.36 -6.45 -7.38
CA PRO B 12 -17.61 -6.90 -6.77
C PRO B 12 -18.36 -5.72 -6.13
N SER B 13 -18.80 -4.80 -6.98
CA SER B 13 -19.56 -3.63 -6.57
C SER B 13 -20.43 -3.25 -7.74
N GLY B 14 -21.55 -2.58 -7.46
CA GLY B 14 -22.57 -2.35 -8.49
C GLY B 14 -23.12 -3.66 -9.00
N GLU B 15 -23.60 -3.66 -10.24
CA GLU B 15 -24.14 -4.85 -10.88
C GLU B 15 -23.61 -4.91 -12.31
N LEU B 16 -22.82 -5.95 -12.62
CA LEU B 16 -22.14 -6.02 -13.92
C LEU B 16 -23.14 -5.99 -15.08
N THR B 17 -22.77 -5.26 -16.13
CA THR B 17 -23.65 -4.96 -17.26
C THR B 17 -23.18 -5.66 -18.53
N ILE B 18 -23.97 -5.53 -19.58
CA ILE B 18 -23.60 -6.05 -20.88
C ILE B 18 -22.37 -5.31 -21.45
N GLY B 19 -22.12 -4.10 -20.97
CA GLY B 19 -20.86 -3.39 -21.22
C GLY B 19 -19.67 -4.14 -20.64
N ASN B 20 -19.74 -4.50 -19.36
CA ASN B 20 -18.67 -5.29 -18.71
C ASN B 20 -18.45 -6.62 -19.43
N TYR B 21 -19.53 -7.22 -19.92
CA TYR B 21 -19.46 -8.49 -20.66
C TYR B 21 -18.75 -8.37 -22.00
N MET B 22 -19.18 -7.42 -22.83
CA MET B 22 -18.62 -7.28 -24.18
C MET B 22 -17.22 -6.66 -24.17
N GLY B 23 -16.97 -5.76 -23.24
CA GLY B 23 -15.66 -5.13 -23.10
C GLY B 23 -14.58 -6.03 -22.52
N ALA B 24 -14.98 -7.01 -21.71
CA ALA B 24 -14.03 -7.83 -20.95
C ALA B 24 -14.40 -9.31 -20.92
N LEU B 25 -15.49 -9.65 -20.23
CA LEU B 25 -15.80 -11.06 -19.89
C LEU B 25 -15.90 -11.99 -21.11
N ARG B 26 -16.51 -11.51 -22.18
CA ARG B 26 -16.56 -12.25 -23.44
C ARG B 26 -15.16 -12.65 -23.92
N GLN B 27 -14.20 -11.73 -23.82
CA GLN B 27 -12.82 -12.02 -24.25
C GLN B 27 -12.19 -13.01 -23.30
N TRP B 28 -12.48 -12.86 -22.00
CA TRP B 28 -11.93 -13.76 -20.98
C TRP B 28 -12.26 -15.22 -21.29
N VAL B 29 -13.51 -15.45 -21.65
CA VAL B 29 -14.03 -16.80 -21.92
C VAL B 29 -13.36 -17.38 -23.17
N ASN B 30 -13.23 -16.54 -24.20
CA ASN B 30 -12.65 -16.96 -25.49
C ASN B 30 -11.14 -17.23 -25.46
N MET B 31 -10.42 -16.68 -24.47
CA MET B 31 -8.96 -16.81 -24.40
C MET B 31 -8.45 -18.03 -23.62
N GLN B 32 -9.36 -18.79 -23.00
CA GLN B 32 -8.96 -19.79 -21.97
C GLN B 32 -8.11 -20.97 -22.44
N ASP B 33 -8.32 -21.44 -23.67
CA ASP B 33 -7.47 -22.51 -24.23
C ASP B 33 -6.19 -21.95 -24.83
N ASP B 34 -6.29 -20.81 -25.49
CA ASP B 34 -5.16 -20.22 -26.23
C ASP B 34 -4.06 -19.67 -25.35
N TYR B 35 -4.41 -19.20 -24.15
CA TYR B 35 -3.46 -18.63 -23.21
C TYR B 35 -3.69 -19.20 -21.81
N HIS B 36 -2.73 -18.97 -20.91
CA HIS B 36 -2.88 -19.34 -19.50
C HIS B 36 -3.57 -18.18 -18.79
N CYS B 37 -4.85 -18.35 -18.47
CA CYS B 37 -5.70 -17.24 -18.02
C CYS B 37 -5.91 -17.22 -16.52
N ILE B 38 -5.81 -16.01 -15.96
CA ILE B 38 -5.98 -15.77 -14.53
C ILE B 38 -6.99 -14.63 -14.38
N TYR B 39 -8.10 -14.90 -13.68
CA TYR B 39 -9.17 -13.90 -13.51
C TYR B 39 -9.45 -13.64 -12.04
N CYS B 40 -9.56 -12.36 -11.69
CA CYS B 40 -9.56 -11.94 -10.31
C CYS B 40 -10.84 -11.17 -9.99
N ILE B 41 -11.40 -11.40 -8.80
CA ILE B 41 -12.50 -10.59 -8.27
C ILE B 41 -11.83 -9.56 -7.36
N VAL B 42 -11.81 -8.30 -7.80
CA VAL B 42 -10.97 -7.29 -7.17
C VAL B 42 -11.70 -6.55 -6.04
N ASP B 43 -11.89 -7.26 -4.93
CA ASP B 43 -12.59 -6.70 -3.76
C ASP B 43 -11.83 -5.56 -3.08
N GLN B 44 -10.49 -5.59 -3.11
CA GLN B 44 -9.68 -4.47 -2.60
C GLN B 44 -9.84 -3.18 -3.42
N HIS B 45 -10.03 -3.29 -4.74
CA HIS B 45 -10.38 -2.12 -5.56
C HIS B 45 -11.81 -1.63 -5.32
N ALA B 46 -12.74 -2.57 -5.12
CA ALA B 46 -14.15 -2.24 -4.92
C ALA B 46 -14.37 -1.24 -3.78
N ILE B 47 -13.61 -1.39 -2.69
CA ILE B 47 -13.80 -0.56 -1.49
C ILE B 47 -13.24 0.87 -1.56
N THR B 48 -12.67 1.26 -2.70
CA THR B 48 -12.35 2.67 -2.98
C THR B 48 -13.61 3.54 -3.15
N VAL B 49 -14.75 2.88 -3.38
CA VAL B 49 -16.07 3.49 -3.25
C VAL B 49 -16.71 2.78 -2.07
N ARG B 50 -17.28 3.54 -1.13
CA ARG B 50 -17.75 2.97 0.13
C ARG B 50 -18.85 1.93 -0.09
N GLN B 51 -18.62 0.74 0.46
CA GLN B 51 -19.56 -0.38 0.34
C GLN B 51 -20.18 -0.72 1.68
N ASP B 52 -21.43 -1.16 1.63
CA ASP B 52 -22.07 -1.85 2.76
C ASP B 52 -21.43 -3.23 2.88
N ALA B 53 -21.06 -3.63 4.10
CA ALA B 53 -20.32 -4.87 4.32
C ALA B 53 -21.04 -6.13 3.84
N GLN B 54 -22.35 -6.20 4.07
CA GLN B 54 -23.15 -7.35 3.63
C GLN B 54 -23.27 -7.38 2.10
N LYS B 55 -23.50 -6.22 1.50
CA LYS B 55 -23.55 -6.11 0.03
C LYS B 55 -22.22 -6.48 -0.64
N LEU B 56 -21.10 -6.07 -0.05
CA LEU B 56 -19.77 -6.42 -0.57
C LEU B 56 -19.53 -7.93 -0.56
N ARG B 57 -19.83 -8.58 0.56
CA ARG B 57 -19.66 -10.03 0.66
C ARG B 57 -20.53 -10.77 -0.36
N LYS B 58 -21.80 -10.37 -0.45
CA LYS B 58 -22.73 -10.97 -1.40
C LYS B 58 -22.30 -10.73 -2.85
N ALA B 59 -21.85 -9.51 -3.16
CA ALA B 59 -21.43 -9.16 -4.52
C ALA B 59 -20.17 -9.91 -4.98
N THR B 60 -19.27 -10.19 -4.04
CA THR B 60 -18.06 -10.99 -4.33
C THR B 60 -18.48 -12.37 -4.84
N LEU B 61 -19.37 -13.01 -4.10
CA LEU B 61 -19.91 -14.31 -4.48
C LEU B 61 -20.79 -14.25 -5.74
N ASP B 62 -21.60 -13.19 -5.89
CA ASP B 62 -22.37 -12.95 -7.12
C ASP B 62 -21.43 -12.91 -8.34
N THR B 63 -20.35 -12.14 -8.20
CA THR B 63 -19.38 -11.95 -9.28
C THR B 63 -18.68 -13.26 -9.67
N LEU B 64 -18.26 -14.04 -8.68
CA LEU B 64 -17.70 -15.37 -8.92
C LEU B 64 -18.67 -16.27 -9.72
N ALA B 65 -19.92 -16.35 -9.27
CA ALA B 65 -20.95 -17.14 -9.95
C ALA B 65 -21.19 -16.67 -11.39
N LEU B 66 -21.11 -15.35 -11.59
CA LEU B 66 -21.29 -14.75 -12.91
C LEU B 66 -20.13 -15.10 -13.87
N TYR B 67 -18.90 -15.08 -13.37
CA TYR B 67 -17.74 -15.57 -14.16
C TYR B 67 -18.00 -17.00 -14.62
N LEU B 68 -18.43 -17.85 -13.69
CA LEU B 68 -18.70 -19.26 -14.00
C LEU B 68 -19.84 -19.41 -15.00
N ALA B 69 -20.92 -18.64 -14.81
CA ALA B 69 -22.06 -18.61 -15.73
C ALA B 69 -21.69 -18.16 -17.14
N CYS B 70 -20.76 -17.21 -17.24
CA CYS B 70 -20.24 -16.76 -18.53
C CYS B 70 -19.47 -17.81 -19.31
N GLY B 71 -18.92 -18.81 -18.61
CA GLY B 71 -18.09 -19.84 -19.22
C GLY B 71 -16.65 -19.89 -18.75
N ILE B 72 -16.29 -19.09 -17.73
CA ILE B 72 -14.97 -19.19 -17.13
C ILE B 72 -14.94 -20.51 -16.36
N ASP B 73 -13.98 -21.34 -16.72
CA ASP B 73 -13.92 -22.74 -16.36
C ASP B 73 -12.77 -22.89 -15.37
N PRO B 74 -13.06 -23.27 -14.11
CA PRO B 74 -12.00 -23.39 -13.12
C PRO B 74 -11.00 -24.53 -13.39
N GLU B 75 -11.33 -25.47 -14.27
CA GLU B 75 -10.38 -26.48 -14.74
C GLU B 75 -9.37 -25.92 -15.76
N LYS B 76 -9.71 -24.82 -16.42
CA LYS B 76 -8.84 -24.18 -17.42
C LYS B 76 -8.16 -22.91 -16.93
N SER B 77 -8.89 -22.09 -16.17
CA SER B 77 -8.44 -20.78 -15.70
C SER B 77 -8.30 -20.76 -14.19
N THR B 78 -7.45 -19.86 -13.71
CA THR B 78 -7.35 -19.56 -12.28
C THR B 78 -8.37 -18.46 -11.97
N ILE B 79 -9.26 -18.72 -11.01
CA ILE B 79 -10.25 -17.74 -10.58
C ILE B 79 -10.05 -17.51 -9.08
N PHE B 80 -9.82 -16.26 -8.68
CA PHE B 80 -9.57 -15.97 -7.25
C PHE B 80 -10.04 -14.58 -6.82
N VAL B 81 -10.11 -14.42 -5.50
CA VAL B 81 -10.51 -13.17 -4.87
C VAL B 81 -9.23 -12.45 -4.46
N GLN B 82 -9.10 -11.20 -4.89
CA GLN B 82 -7.90 -10.39 -4.71
C GLN B 82 -7.37 -10.34 -3.26
N SER B 83 -8.26 -10.11 -2.31
CA SER B 83 -7.87 -10.01 -0.89
C SER B 83 -7.34 -11.33 -0.30
N HIS B 84 -7.55 -12.45 -0.98
CA HIS B 84 -7.01 -13.75 -0.56
C HIS B 84 -5.52 -13.95 -0.85
N VAL B 85 -4.91 -13.06 -1.62
CA VAL B 85 -3.51 -13.16 -1.98
C VAL B 85 -2.81 -11.87 -1.49
N PRO B 86 -2.16 -11.93 -0.31
CA PRO B 86 -1.49 -10.78 0.30
C PRO B 86 -0.48 -10.07 -0.60
N GLU B 87 0.13 -10.81 -1.53
CA GLU B 87 1.15 -10.26 -2.44
C GLU B 87 0.66 -9.08 -3.29
N HIS B 88 -0.64 -9.00 -3.55
CA HIS B 88 -1.21 -7.85 -4.28
C HIS B 88 -0.94 -6.54 -3.54
N ALA B 89 -1.31 -6.48 -2.27
CA ALA B 89 -1.05 -5.30 -1.42
C ALA B 89 0.45 -5.08 -1.18
N GLN B 90 1.20 -6.16 -0.99
CA GLN B 90 2.63 -6.05 -0.76
C GLN B 90 3.32 -5.42 -1.97
N LEU B 91 3.01 -5.92 -3.17
CA LEU B 91 3.62 -5.37 -4.38
C LEU B 91 3.10 -3.98 -4.69
N GLY B 92 1.82 -3.74 -4.41
CA GLY B 92 1.20 -2.41 -4.56
C GLY B 92 1.93 -1.32 -3.80
N TRP B 93 2.27 -1.59 -2.53
CA TRP B 93 3.07 -0.63 -1.77
C TRP B 93 4.41 -0.37 -2.43
N ALA B 94 5.14 -1.44 -2.76
CA ALA B 94 6.44 -1.32 -3.42
C ALA B 94 6.38 -0.48 -4.70
N LEU B 95 5.40 -0.77 -5.56
CA LEU B 95 5.23 -0.02 -6.82
C LEU B 95 4.79 1.43 -6.63
N ASN B 96 4.17 1.73 -5.48
CA ASN B 96 3.89 3.11 -5.08
C ASN B 96 5.16 3.98 -5.09
N CYS B 97 6.29 3.36 -4.74
CA CYS B 97 7.58 4.05 -4.71
C CYS B 97 8.25 4.26 -6.07
N TYR B 98 7.69 3.66 -7.13
CA TYR B 98 8.16 3.82 -8.50
C TYR B 98 7.09 4.45 -9.39
N THR B 99 6.08 5.09 -8.77
CA THR B 99 4.99 5.76 -9.47
C THR B 99 5.04 7.21 -9.04
N TYR B 100 4.79 8.12 -9.98
CA TYR B 100 4.81 9.55 -9.68
C TYR B 100 3.43 10.06 -9.34
N PHE B 101 3.38 11.02 -8.42
CA PHE B 101 2.14 11.67 -8.00
C PHE B 101 1.37 12.22 -9.20
N GLY B 102 2.09 12.89 -10.11
CA GLY B 102 1.51 13.48 -11.31
C GLY B 102 0.82 12.48 -12.22
N GLU B 103 1.41 11.30 -12.39
CA GLU B 103 0.80 10.21 -13.16
C GLU B 103 -0.60 9.83 -12.64
N LEU B 104 -0.76 9.83 -11.30
CA LEU B 104 -2.01 9.44 -10.66
C LEU B 104 -3.07 10.55 -10.68
N SER B 105 -2.66 11.79 -10.44
CA SER B 105 -3.59 12.93 -10.42
C SER B 105 -4.24 13.21 -11.78
N ARG B 106 -3.54 12.90 -12.87
CA ARG B 106 -4.06 13.10 -14.23
C ARG B 106 -5.02 12.00 -14.73
N MET B 107 -5.22 10.94 -13.94
CA MET B 107 -6.11 9.83 -14.32
C MET B 107 -7.58 10.24 -14.43
N THR B 108 -8.20 9.85 -15.54
CA THR B 108 -9.61 10.16 -15.81
C THR B 108 -10.57 9.52 -14.80
N GLN B 109 -10.31 8.27 -14.41
CA GLN B 109 -11.17 7.59 -13.45
C GLN B 109 -11.16 8.30 -12.09
N PHE B 110 -9.98 8.68 -11.63
CA PHE B 110 -9.87 9.40 -10.36
C PHE B 110 -10.71 10.68 -10.41
N LYS B 111 -10.56 11.46 -11.48
CA LYS B 111 -11.36 12.69 -11.66
C LYS B 111 -12.86 12.43 -11.66
N ASP B 112 -13.30 11.46 -12.47
CA ASP B 112 -14.73 11.15 -12.61
C ASP B 112 -15.35 10.61 -11.31
N LYS B 113 -14.66 9.67 -10.66
CA LYS B 113 -15.13 9.11 -9.39
C LYS B 113 -15.13 10.16 -8.26
N SER B 114 -14.10 11.03 -8.26
CA SER B 114 -14.01 12.14 -7.29
C SER B 114 -15.19 13.11 -7.41
N ALA B 115 -15.54 13.47 -8.65
CA ALA B 115 -16.70 14.32 -8.91
C ALA B 115 -18.00 13.67 -8.44
N ARG B 116 -18.10 12.36 -8.63
CA ARG B 116 -19.28 11.60 -8.22
C ARG B 116 -19.39 11.40 -6.72
N TYR B 117 -18.27 11.12 -6.06
CA TYR B 117 -18.25 10.87 -4.61
C TYR B 117 -17.43 11.94 -3.90
N ALA B 118 -17.92 13.17 -3.94
CA ALA B 118 -17.20 14.32 -3.38
C ALA B 118 -16.90 14.20 -1.87
N GLU B 119 -17.77 13.51 -1.14
CA GLU B 119 -17.64 13.31 0.30
C GLU B 119 -16.78 12.10 0.68
N ASN B 120 -16.22 11.39 -0.29
CA ASN B 120 -15.28 10.30 -0.02
C ASN B 120 -14.23 10.21 -1.12
N ILE B 121 -13.50 11.31 -1.29
CA ILE B 121 -12.32 11.35 -2.14
C ILE B 121 -11.18 10.81 -1.27
N ASN B 122 -10.95 9.50 -1.37
CA ASN B 122 -10.00 8.82 -0.48
C ASN B 122 -8.71 8.45 -1.20
N ALA B 123 -7.69 8.12 -0.40
CA ALA B 123 -6.36 7.83 -0.92
C ALA B 123 -6.33 6.54 -1.76
N GLY B 124 -7.20 5.58 -1.44
CA GLY B 124 -7.37 4.38 -2.23
C GLY B 124 -7.82 4.68 -3.65
N LEU B 125 -8.78 5.60 -3.77
CA LEU B 125 -9.30 6.02 -5.07
C LEU B 125 -8.20 6.64 -5.93
N PHE B 126 -7.36 7.46 -5.29
CA PHE B 126 -6.20 8.08 -5.92
C PHE B 126 -5.14 7.05 -6.30
N ASP B 127 -4.89 6.09 -5.41
CA ASP B 127 -3.87 5.05 -5.60
C ASP B 127 -4.33 3.84 -6.42
N TYR B 128 -5.62 3.81 -6.77
CA TYR B 128 -6.23 2.77 -7.60
C TYR B 128 -5.30 2.18 -8.68
N PRO B 129 -4.69 3.02 -9.55
CA PRO B 129 -3.90 2.43 -10.64
C PRO B 129 -2.65 1.64 -10.20
N VAL B 130 -2.10 1.97 -9.02
CA VAL B 130 -0.87 1.32 -8.55
C VAL B 130 -1.17 -0.10 -8.09
N LEU B 131 -2.26 -0.28 -7.34
CA LEU B 131 -2.72 -1.64 -6.98
C LEU B 131 -3.08 -2.47 -8.23
N MET B 132 -3.70 -1.82 -9.22
CA MET B 132 -3.99 -2.47 -10.52
C MET B 132 -2.71 -2.93 -11.24
N ALA B 133 -1.67 -2.08 -11.23
CA ALA B 133 -0.37 -2.46 -11.79
C ALA B 133 0.21 -3.67 -11.07
N ALA B 134 0.12 -3.69 -9.74
CA ALA B 134 0.58 -4.83 -8.96
C ALA B 134 -0.20 -6.11 -9.30
N ASP B 135 -1.52 -6.00 -9.44
CA ASP B 135 -2.39 -7.13 -9.84
C ASP B 135 -1.84 -7.80 -11.11
N ILE B 136 -1.51 -6.98 -12.10
CA ILE B 136 -1.05 -7.44 -13.42
C ILE B 136 0.37 -8.00 -13.34
N LEU B 137 1.29 -7.20 -12.79
CA LEU B 137 2.71 -7.52 -12.83
C LEU B 137 3.11 -8.73 -11.98
N LEU B 138 2.33 -9.02 -10.95
CA LEU B 138 2.55 -10.22 -10.14
C LEU B 138 2.59 -11.52 -10.94
N TYR B 139 1.79 -11.62 -12.00
CA TYR B 139 1.62 -12.90 -12.69
C TYR B 139 2.43 -13.04 -13.97
N GLN B 140 3.43 -12.18 -14.18
CA GLN B 140 4.25 -12.19 -15.40
C GLN B 140 3.32 -12.10 -16.61
N THR B 141 2.37 -11.17 -16.53
CA THR B 141 1.27 -11.09 -17.47
C THR B 141 1.72 -10.55 -18.81
N ASN B 142 1.29 -11.22 -19.88
CA ASN B 142 1.55 -10.78 -21.26
C ASN B 142 0.37 -10.00 -21.85
N LEU B 143 -0.86 -10.41 -21.55
CA LEU B 143 -2.06 -9.78 -22.14
C LEU B 143 -3.11 -9.45 -21.08
N VAL B 144 -3.73 -8.28 -21.20
CA VAL B 144 -4.72 -7.82 -20.22
C VAL B 144 -6.03 -7.45 -20.96
N PRO B 145 -7.03 -8.35 -20.97
CA PRO B 145 -8.29 -8.03 -21.66
C PRO B 145 -9.21 -7.11 -20.86
N VAL B 146 -9.34 -5.87 -21.33
CA VAL B 146 -10.16 -4.85 -20.67
C VAL B 146 -10.95 -4.06 -21.72
N GLY B 147 -11.92 -3.28 -21.23
CA GLY B 147 -12.60 -2.29 -22.04
C GLY B 147 -11.75 -1.05 -22.25
N GLU B 148 -12.19 -0.20 -23.17
CA GLU B 148 -11.50 1.05 -23.52
C GLU B 148 -11.21 1.96 -22.32
N ASP B 149 -12.14 2.00 -21.36
CA ASP B 149 -12.02 2.89 -20.20
C ASP B 149 -10.80 2.61 -19.30
N GLN B 150 -10.27 1.40 -19.35
CA GLN B 150 -9.08 1.04 -18.57
C GLN B 150 -7.75 1.17 -19.32
N LYS B 151 -7.78 1.72 -20.53
CA LYS B 151 -6.55 1.85 -21.34
C LYS B 151 -5.49 2.68 -20.63
N GLN B 152 -5.91 3.81 -20.05
CA GLN B 152 -5.00 4.72 -19.34
C GLN B 152 -4.32 4.05 -18.12
N HIS B 153 -5.09 3.30 -17.34
CA HIS B 153 -4.53 2.53 -16.22
C HIS B 153 -3.53 1.49 -16.71
N LEU B 154 -3.87 0.84 -17.81
CA LEU B 154 -3.02 -0.19 -18.40
C LEU B 154 -1.70 0.38 -18.91
N GLU B 155 -1.76 1.57 -19.51
CA GLU B 155 -0.56 2.28 -19.95
C GLU B 155 0.37 2.63 -18.78
N LEU B 156 -0.18 3.01 -17.63
CA LEU B 156 0.65 3.23 -16.43
C LEU B 156 1.35 1.95 -15.99
N SER B 157 0.65 0.82 -15.99
CA SER B 157 1.25 -0.48 -15.65
C SER B 157 2.47 -0.83 -16.51
N ARG B 158 2.39 -0.49 -17.80
CA ARG B 158 3.51 -0.68 -18.72
C ARG B 158 4.67 0.24 -18.37
N ASP B 159 4.35 1.50 -18.07
CA ASP B 159 5.35 2.49 -17.66
C ASP B 159 6.08 2.07 -16.38
N ILE B 160 5.32 1.59 -15.40
CA ILE B 160 5.89 1.13 -14.12
C ILE B 160 6.81 -0.08 -14.34
N ALA B 161 6.36 -1.04 -15.14
CA ALA B 161 7.16 -2.25 -15.42
C ALA B 161 8.50 -1.92 -16.11
N GLN B 162 8.44 -1.05 -17.11
CA GLN B 162 9.64 -0.59 -17.83
C GLN B 162 10.60 0.18 -16.93
N ARG B 163 10.04 1.07 -16.10
CA ARG B 163 10.80 1.85 -15.13
C ARG B 163 11.54 0.97 -14.13
N PHE B 164 10.82 0.00 -13.58
CA PHE B 164 11.39 -0.94 -12.61
C PHE B 164 12.42 -1.86 -13.25
N ASN B 165 12.10 -2.39 -14.42
CA ASN B 165 13.01 -3.27 -15.15
C ASN B 165 14.32 -2.54 -15.54
N ALA B 166 14.22 -1.27 -15.90
CA ALA B 166 15.40 -0.49 -16.29
C ALA B 166 16.42 -0.36 -15.16
N LEU B 167 15.94 -0.34 -13.91
CA LEU B 167 16.81 -0.28 -12.73
C LEU B 167 17.33 -1.64 -12.29
N TYR B 168 16.47 -2.67 -12.33
CA TYR B 168 16.73 -3.94 -11.65
C TYR B 168 16.90 -5.20 -12.52
N GLY B 169 16.56 -5.12 -13.81
CA GLY B 169 16.64 -6.28 -14.71
C GLY B 169 15.27 -6.78 -15.12
N GLU B 170 15.20 -7.99 -15.67
CA GLU B 170 13.97 -8.53 -16.26
C GLU B 170 13.06 -9.14 -15.19
N ILE B 171 12.56 -8.30 -14.29
CA ILE B 171 11.74 -8.77 -13.16
C ILE B 171 10.28 -8.93 -13.59
N PHE B 172 9.76 -7.97 -14.34
CA PHE B 172 8.39 -8.00 -14.87
C PHE B 172 8.34 -8.19 -16.37
N LYS B 173 7.24 -8.79 -16.84
CA LYS B 173 6.86 -8.71 -18.25
C LYS B 173 6.15 -7.38 -18.47
N VAL B 174 6.35 -6.76 -19.63
CA VAL B 174 5.60 -5.56 -20.00
C VAL B 174 4.29 -6.04 -20.63
N PRO B 175 3.14 -5.79 -19.96
CA PRO B 175 1.86 -6.30 -20.45
C PRO B 175 1.33 -5.49 -21.63
N GLU B 176 0.49 -6.11 -22.45
CA GLU B 176 -0.16 -5.43 -23.58
C GLU B 176 -1.67 -5.44 -23.39
N PRO B 177 -2.35 -4.34 -23.78
CA PRO B 177 -3.82 -4.34 -23.72
C PRO B 177 -4.42 -5.27 -24.78
N PHE B 178 -5.55 -5.88 -24.44
CA PHE B 178 -6.37 -6.63 -25.39
C PHE B 178 -7.80 -6.06 -25.32
N ILE B 179 -8.04 -5.06 -26.16
CA ILE B 179 -9.31 -4.34 -26.20
C ILE B 179 -10.03 -4.78 -27.48
N PRO B 180 -11.29 -5.26 -27.37
CA PRO B 180 -11.96 -5.81 -28.55
C PRO B 180 -12.37 -4.77 -29.59
N LYS B 181 -12.64 -5.23 -30.81
CA LYS B 181 -13.08 -4.38 -31.91
C LYS B 181 -14.51 -3.86 -31.68
N SER B 182 -15.41 -4.78 -31.32
CA SER B 182 -16.79 -4.43 -30.95
C SER B 182 -16.93 -4.46 -29.42
N GLY B 183 -17.80 -3.59 -28.91
CA GLY B 183 -18.23 -3.65 -27.52
C GLY B 183 -17.19 -3.23 -26.49
N ALA B 184 -16.16 -2.51 -26.92
CA ALA B 184 -15.12 -1.99 -26.03
C ALA B 184 -15.59 -0.82 -25.18
N ARG B 185 -16.66 -0.16 -25.63
CA ARG B 185 -17.20 1.00 -24.93
C ARG B 185 -18.71 1.11 -25.17
N VAL B 186 -19.46 0.23 -24.48
CA VAL B 186 -20.90 0.17 -24.60
C VAL B 186 -21.49 1.37 -23.87
N MET B 187 -22.45 2.04 -24.51
CA MET B 187 -22.97 3.32 -24.02
C MET B 187 -24.33 3.21 -23.31
N SER B 188 -24.66 4.26 -22.54
CA SER B 188 -25.91 4.30 -21.79
C SER B 188 -27.11 4.47 -22.72
N LEU B 189 -28.21 3.79 -22.41
CA LEU B 189 -29.38 3.73 -23.30
C LEU B 189 -30.11 5.06 -23.44
N LEU B 190 -30.17 5.87 -22.37
CA LEU B 190 -30.82 7.20 -22.43
C LEU B 190 -29.84 8.37 -22.56
N GLU B 191 -28.54 8.08 -22.47
CA GLU B 191 -27.48 9.09 -22.62
C GLU B 191 -26.31 8.45 -23.37
N PRO B 192 -26.49 8.19 -24.68
CA PRO B 192 -25.50 7.41 -25.46
C PRO B 192 -24.11 8.04 -25.65
N THR B 193 -23.88 9.26 -25.15
CA THR B 193 -22.54 9.85 -25.09
C THR B 193 -21.82 9.54 -23.75
N LYS B 194 -22.49 8.85 -22.82
CA LYS B 194 -21.87 8.39 -21.57
C LYS B 194 -21.81 6.87 -21.57
N LYS B 195 -20.67 6.30 -21.16
CA LYS B 195 -20.54 4.84 -21.16
C LYS B 195 -21.50 4.21 -20.15
N MET B 196 -21.90 2.98 -20.41
CA MET B 196 -22.78 2.24 -19.52
C MET B 196 -22.04 1.95 -18.21
N SER B 197 -22.66 2.39 -17.10
CA SER B 197 -22.10 2.25 -15.76
C SER B 197 -22.75 1.07 -15.04
N LYS B 198 -21.96 0.36 -14.22
CA LYS B 198 -22.50 -0.72 -13.40
C LYS B 198 -23.10 -0.24 -12.07
N SER B 199 -23.05 1.07 -11.80
CA SER B 199 -23.64 1.66 -10.61
C SER B 199 -24.40 2.95 -10.96
N ASP B 200 -25.15 2.93 -12.06
CA ASP B 200 -25.87 4.11 -12.54
C ASP B 200 -27.07 4.38 -11.62
N ASP B 201 -27.24 5.64 -11.25
CA ASP B 201 -28.41 6.08 -10.45
C ASP B 201 -29.73 5.80 -11.17
N ASN B 202 -29.72 5.98 -12.50
CA ASN B 202 -30.87 5.66 -13.35
C ASN B 202 -30.68 4.28 -13.97
N ARG B 203 -31.44 3.29 -13.48
CA ARG B 203 -31.38 1.93 -14.01
C ARG B 203 -31.81 1.78 -15.48
N ASN B 204 -32.60 2.73 -16.00
CA ASN B 204 -33.03 2.70 -17.40
C ASN B 204 -31.89 2.90 -18.43
N ASN B 205 -30.73 3.38 -17.97
CA ASN B 205 -29.53 3.46 -18.80
C ASN B 205 -28.81 2.12 -19.05
N VAL B 206 -29.15 1.08 -18.29
CA VAL B 206 -28.30 -0.10 -18.14
C VAL B 206 -29.00 -1.39 -18.59
N ILE B 207 -28.20 -2.32 -19.13
CA ILE B 207 -28.62 -3.70 -19.32
C ILE B 207 -27.79 -4.53 -18.33
N GLY B 208 -28.38 -4.86 -17.19
CA GLY B 208 -27.72 -5.66 -16.18
C GLY B 208 -27.72 -7.12 -16.58
N LEU B 209 -26.63 -7.82 -16.29
CA LEU B 209 -26.50 -9.23 -16.67
C LEU B 209 -27.47 -10.14 -15.91
N LEU B 210 -27.82 -9.77 -14.68
CA LEU B 210 -28.76 -10.54 -13.84
C LEU B 210 -30.17 -9.94 -13.77
N GLU B 211 -30.43 -8.97 -14.64
CA GLU B 211 -31.69 -8.25 -14.65
C GLU B 211 -32.77 -9.05 -15.38
N ASP B 212 -34.02 -8.92 -14.92
CA ASP B 212 -35.17 -9.56 -15.56
C ASP B 212 -35.16 -9.24 -17.06
N PRO B 213 -35.08 -10.28 -17.93
CA PRO B 213 -35.08 -10.04 -19.39
C PRO B 213 -36.25 -9.20 -19.92
N LYS B 214 -37.45 -9.42 -19.37
CA LYS B 214 -38.63 -8.64 -19.75
C LYS B 214 -38.42 -7.14 -19.49
N SER B 215 -37.82 -6.81 -18.36
CA SER B 215 -37.47 -5.44 -18.02
C SER B 215 -36.41 -4.86 -18.98
N VAL B 216 -35.41 -5.69 -19.32
CA VAL B 216 -34.37 -5.29 -20.29
C VAL B 216 -34.96 -5.01 -21.68
N VAL B 217 -35.92 -5.83 -22.11
CA VAL B 217 -36.59 -5.62 -23.42
C VAL B 217 -37.28 -4.25 -23.47
N LYS B 218 -37.99 -3.90 -22.40
CA LYS B 218 -38.65 -2.59 -22.29
C LYS B 218 -37.64 -1.44 -22.36
N LYS B 219 -36.51 -1.58 -21.67
CA LYS B 219 -35.46 -0.55 -21.67
C LYS B 219 -34.87 -0.34 -23.07
N ILE B 220 -34.65 -1.44 -23.79
CA ILE B 220 -34.12 -1.37 -25.16
C ILE B 220 -35.10 -0.62 -26.08
N LYS B 221 -36.39 -0.93 -25.95
CA LYS B 221 -37.45 -0.28 -26.74
C LYS B 221 -37.54 1.24 -26.49
N ARG B 222 -37.16 1.69 -25.29
CA ARG B 222 -37.14 3.12 -24.97
C ARG B 222 -35.78 3.81 -25.18
N ALA B 223 -34.76 3.08 -25.66
CA ALA B 223 -33.44 3.66 -25.90
C ALA B 223 -33.50 4.83 -26.89
N VAL B 224 -32.78 5.92 -26.60
CA VAL B 224 -32.84 7.10 -27.48
C VAL B 224 -32.12 6.80 -28.79
N THR B 225 -32.66 7.34 -29.87
CA THR B 225 -32.09 7.17 -31.21
C THR B 225 -31.79 8.58 -31.72
N ASP B 226 -32.36 8.99 -32.87
CA ASP B 226 -32.09 10.31 -33.43
C ASP B 226 -33.29 10.79 -34.23
N SER B 227 -33.21 12.02 -34.72
CA SER B 227 -34.30 12.66 -35.45
C SER B 227 -34.22 12.49 -36.98
N ASP B 228 -33.34 11.60 -37.46
CA ASP B 228 -33.12 11.44 -38.90
C ASP B 228 -34.41 11.12 -39.64
N GLU B 229 -34.63 11.82 -40.75
CA GLU B 229 -35.81 11.62 -41.58
C GLU B 229 -35.39 11.39 -43.04
N PRO B 230 -35.59 10.19 -43.59
CA PRO B 230 -36.18 9.03 -42.90
C PRO B 230 -35.22 8.41 -41.89
N PRO B 231 -35.75 7.63 -40.92
CA PRO B 231 -34.84 6.87 -40.04
C PRO B 231 -34.00 5.92 -40.89
N VAL B 232 -32.70 5.85 -40.60
CA VAL B 232 -31.79 4.93 -41.29
C VAL B 232 -30.89 4.26 -40.27
N VAL B 233 -30.74 2.95 -40.40
CA VAL B 233 -29.88 2.18 -39.50
C VAL B 233 -28.47 2.20 -40.10
N ARG B 234 -27.62 3.07 -39.54
CA ARG B 234 -26.24 3.24 -40.00
C ARG B 234 -25.34 3.57 -38.81
N TYR B 235 -24.17 2.93 -38.74
CA TYR B 235 -23.22 3.17 -37.65
C TYR B 235 -22.52 4.49 -37.86
N ASP B 236 -22.68 5.40 -36.91
CA ASP B 236 -22.07 6.73 -36.93
C ASP B 236 -22.14 7.33 -35.51
N VAL B 237 -21.05 7.21 -34.76
CA VAL B 237 -21.03 7.57 -33.34
C VAL B 237 -21.32 9.06 -33.10
N GLN B 238 -20.81 9.92 -33.98
CA GLN B 238 -20.92 11.37 -33.80
C GLN B 238 -22.34 11.87 -34.04
N ASN B 239 -22.96 11.37 -35.12
CA ASN B 239 -24.30 11.83 -35.54
C ASN B 239 -25.46 10.92 -35.09
N LYS B 240 -25.16 9.66 -34.79
CA LYS B 240 -26.19 8.66 -34.48
C LYS B 240 -25.75 7.78 -33.33
N ALA B 241 -25.45 8.42 -32.18
CA ALA B 241 -24.88 7.74 -31.02
C ALA B 241 -25.74 6.56 -30.52
N GLY B 242 -27.04 6.80 -30.39
CA GLY B 242 -27.98 5.77 -29.90
C GLY B 242 -28.10 4.57 -30.81
N VAL B 243 -28.35 4.83 -32.09
CA VAL B 243 -28.45 3.78 -33.11
C VAL B 243 -27.15 3.00 -33.23
N SER B 244 -26.02 3.70 -33.23
CA SER B 244 -24.70 3.06 -33.27
C SER B 244 -24.46 2.13 -32.08
N ASN B 245 -24.85 2.59 -30.89
CA ASN B 245 -24.74 1.77 -29.66
C ASN B 245 -25.58 0.50 -29.76
N LEU B 246 -26.79 0.62 -30.30
CA LEU B 246 -27.66 -0.55 -30.52
C LEU B 246 -27.05 -1.54 -31.51
N LEU B 247 -26.50 -1.03 -32.61
CA LEU B 247 -25.79 -1.87 -33.58
C LEU B 247 -24.58 -2.59 -32.99
N ASP B 248 -23.80 -1.88 -32.17
CA ASP B 248 -22.63 -2.44 -31.50
C ASP B 248 -23.02 -3.59 -30.56
N ILE B 249 -24.08 -3.38 -29.78
CA ILE B 249 -24.63 -4.42 -28.90
C ILE B 249 -25.08 -5.63 -29.71
N LEU B 250 -25.89 -5.40 -30.76
CA LEU B 250 -26.38 -6.49 -31.61
C LEU B 250 -25.22 -7.29 -32.23
N SER B 251 -24.26 -6.56 -32.80
CA SER B 251 -23.07 -7.15 -33.41
C SER B 251 -22.30 -8.04 -32.43
N ALA B 252 -22.11 -7.53 -31.22
CA ALA B 252 -21.37 -8.24 -30.18
C ALA B 252 -22.08 -9.51 -29.70
N VAL B 253 -23.41 -9.47 -29.62
CA VAL B 253 -24.19 -10.64 -29.18
C VAL B 253 -24.24 -11.71 -30.27
N THR B 254 -24.56 -11.29 -31.50
CA THR B 254 -24.81 -12.22 -32.62
C THR B 254 -23.57 -12.65 -33.38
N GLY B 255 -22.51 -11.85 -33.33
CA GLY B 255 -21.29 -12.10 -34.12
C GLY B 255 -21.31 -11.50 -35.53
N GLN B 256 -22.42 -10.88 -35.92
CA GLN B 256 -22.56 -10.28 -37.25
C GLN B 256 -21.81 -8.95 -37.29
N SER B 257 -21.14 -8.66 -38.40
CA SER B 257 -20.40 -7.40 -38.57
C SER B 257 -21.36 -6.21 -38.79
N ILE B 258 -20.83 -5.00 -38.66
CA ILE B 258 -21.60 -3.76 -38.89
C ILE B 258 -22.08 -3.65 -40.35
N PRO B 259 -21.18 -3.88 -41.34
CA PRO B 259 -21.66 -3.91 -42.73
C PRO B 259 -22.76 -4.93 -43.00
N GLU B 260 -22.68 -6.11 -42.36
CA GLU B 260 -23.74 -7.12 -42.51
C GLU B 260 -25.06 -6.66 -41.89
N LEU B 261 -25.00 -6.05 -40.72
CA LEU B 261 -26.20 -5.54 -40.05
C LEU B 261 -26.82 -4.36 -40.79
N GLU B 262 -25.99 -3.43 -41.27
CA GLU B 262 -26.47 -2.31 -42.09
C GLU B 262 -27.20 -2.80 -43.36
N LYS B 263 -26.70 -3.86 -43.97
CA LYS B 263 -27.34 -4.48 -45.13
C LYS B 263 -28.67 -5.11 -44.75
N GLN B 264 -28.66 -5.86 -43.65
CA GLN B 264 -29.86 -6.49 -43.10
C GLN B 264 -31.00 -5.49 -42.81
N PHE B 265 -30.64 -4.30 -42.36
CA PHE B 265 -31.63 -3.27 -42.01
C PHE B 265 -31.92 -2.24 -43.12
N GLU B 266 -31.41 -2.47 -44.33
CA GLU B 266 -31.73 -1.59 -45.48
C GLU B 266 -33.23 -1.57 -45.71
N GLY B 267 -33.79 -0.36 -45.84
CA GLY B 267 -35.23 -0.18 -45.98
C GLY B 267 -36.04 -0.43 -44.71
N LYS B 268 -35.35 -0.51 -43.56
CA LYS B 268 -36.01 -0.74 -42.27
C LYS B 268 -35.63 0.40 -41.33
N MET B 269 -36.37 0.53 -40.24
CA MET B 269 -36.22 1.65 -39.33
C MET B 269 -35.90 1.14 -37.92
N TYR B 270 -36.10 1.97 -36.89
CA TYR B 270 -35.57 1.64 -35.57
C TYR B 270 -36.41 0.59 -34.83
N GLY B 271 -37.63 0.35 -35.28
CA GLY B 271 -38.47 -0.75 -34.77
C GLY B 271 -37.83 -2.11 -35.02
N HIS B 272 -37.41 -2.34 -36.26
CA HIS B 272 -36.69 -3.57 -36.61
C HIS B 272 -35.38 -3.73 -35.85
N LEU B 273 -34.60 -2.65 -35.76
CA LEU B 273 -33.34 -2.67 -35.02
C LEU B 273 -33.56 -3.03 -33.55
N LYS B 274 -34.45 -2.29 -32.89
CA LYS B 274 -34.73 -2.51 -31.47
C LYS B 274 -35.33 -3.91 -31.20
N GLY B 275 -36.15 -4.40 -32.13
CA GLY B 275 -36.68 -5.76 -32.05
C GLY B 275 -35.60 -6.83 -32.04
N GLU B 276 -34.63 -6.69 -32.93
CA GLU B 276 -33.52 -7.65 -33.05
C GLU B 276 -32.57 -7.58 -31.85
N VAL B 277 -32.24 -6.37 -31.40
CA VAL B 277 -31.41 -6.17 -30.20
C VAL B 277 -32.12 -6.80 -28.99
N ALA B 278 -33.40 -6.48 -28.82
CA ALA B 278 -34.19 -7.01 -27.69
C ALA B 278 -34.23 -8.53 -27.67
N ASP B 279 -34.46 -9.14 -28.83
CA ASP B 279 -34.53 -10.60 -28.94
C ASP B 279 -33.18 -11.27 -28.69
N ALA B 280 -32.12 -10.71 -29.28
CA ALA B 280 -30.76 -11.25 -29.08
C ALA B 280 -30.31 -11.14 -27.63
N VAL B 281 -30.55 -9.98 -27.01
CA VAL B 281 -30.12 -9.75 -25.62
C VAL B 281 -30.98 -10.57 -24.64
N SER B 282 -32.29 -10.64 -24.87
CA SER B 282 -33.19 -11.42 -24.00
C SER B 282 -32.77 -12.89 -23.95
N GLY B 283 -32.49 -13.47 -25.10
CA GLY B 283 -32.01 -14.85 -25.21
C GLY B 283 -30.70 -15.11 -24.50
N MET B 284 -29.72 -14.22 -24.69
CA MET B 284 -28.43 -14.29 -24.01
C MET B 284 -28.58 -14.26 -22.49
N LEU B 285 -29.37 -13.31 -22.00
CA LEU B 285 -29.56 -13.14 -20.55
C LEU B 285 -30.37 -14.28 -19.92
N THR B 286 -31.40 -14.77 -20.62
CA THR B 286 -32.15 -15.94 -20.15
C THR B 286 -31.24 -17.15 -19.92
N GLU B 287 -30.37 -17.45 -20.89
CA GLU B 287 -29.46 -18.60 -20.79
C GLU B 287 -28.40 -18.39 -19.71
N LEU B 288 -27.79 -17.20 -19.70
CA LEU B 288 -26.79 -16.84 -18.70
C LEU B 288 -27.32 -16.97 -17.27
N GLN B 289 -28.52 -16.43 -17.05
CA GLN B 289 -29.13 -16.41 -15.72
C GLN B 289 -29.50 -17.83 -15.23
N GLU B 290 -29.89 -18.69 -16.16
CA GLU B 290 -30.13 -20.10 -15.89
C GLU B 290 -28.88 -20.79 -15.33
N ARG B 291 -27.74 -20.59 -16.00
CA ARG B 291 -26.46 -21.12 -15.52
C ARG B 291 -26.05 -20.47 -14.18
N TYR B 292 -26.28 -19.16 -14.06
CA TYR B 292 -25.91 -18.40 -12.86
C TYR B 292 -26.49 -18.96 -11.57
N HIS B 293 -27.79 -19.22 -11.55
CA HIS B 293 -28.46 -19.66 -10.33
C HIS B 293 -27.99 -21.05 -9.88
N ARG B 294 -27.71 -21.91 -10.86
CA ARG B 294 -27.07 -23.21 -10.62
C ARG B 294 -25.73 -23.10 -9.87
N PHE B 295 -24.88 -22.16 -10.31
CA PHE B 295 -23.60 -21.91 -9.62
C PHE B 295 -23.74 -21.12 -8.32
N ARG B 296 -24.60 -20.10 -8.35
CA ARG B 296 -24.70 -19.17 -7.23
C ARG B 296 -25.20 -19.82 -5.93
N ASN B 297 -26.08 -20.80 -6.06
CA ASN B 297 -26.68 -21.48 -4.89
C ASN B 297 -25.91 -22.74 -4.46
N ASP B 298 -24.78 -23.03 -5.13
CA ASP B 298 -23.92 -24.16 -4.78
C ASP B 298 -22.71 -23.62 -4.03
N GLU B 299 -22.89 -23.36 -2.74
CA GLU B 299 -21.82 -22.73 -1.93
C GLU B 299 -20.56 -23.58 -1.79
N ALA B 300 -20.72 -24.91 -1.74
CA ALA B 300 -19.56 -25.81 -1.69
C ALA B 300 -18.65 -25.66 -2.91
N PHE B 301 -19.26 -25.53 -4.09
CA PHE B 301 -18.52 -25.35 -5.34
C PHE B 301 -17.80 -24.00 -5.38
N LEU B 302 -18.50 -22.94 -5.00
CA LEU B 302 -17.90 -21.60 -4.93
C LEU B 302 -16.73 -21.56 -3.94
N GLN B 303 -16.90 -22.20 -2.79
CA GLN B 303 -15.84 -22.29 -1.78
C GLN B 303 -14.60 -23.02 -2.32
N GLN B 304 -14.82 -24.12 -3.02
CA GLN B 304 -13.72 -24.90 -3.62
C GLN B 304 -12.99 -24.12 -4.73
N VAL B 305 -13.76 -23.40 -5.56
CA VAL B 305 -13.17 -22.61 -6.64
C VAL B 305 -12.26 -21.51 -6.07
N MET B 306 -12.75 -20.81 -5.03
CA MET B 306 -11.95 -19.78 -4.37
C MET B 306 -10.68 -20.34 -3.73
N LYS B 307 -10.80 -21.48 -3.07
CA LYS B 307 -9.67 -22.15 -2.42
C LYS B 307 -8.60 -22.54 -3.42
N ASP B 308 -9.01 -23.28 -4.46
CA ASP B 308 -8.10 -23.74 -5.52
C ASP B 308 -7.46 -22.58 -6.26
N GLY B 309 -8.25 -21.56 -6.55
CA GLY B 309 -7.77 -20.39 -7.27
C GLY B 309 -6.76 -19.55 -6.53
N ALA B 310 -7.01 -19.29 -5.25
CA ALA B 310 -6.05 -18.57 -4.42
C ALA B 310 -4.74 -19.34 -4.30
N GLU B 311 -4.83 -20.66 -4.19
CA GLU B 311 -3.64 -21.51 -4.11
C GLU B 311 -2.77 -21.40 -5.37
N LYS B 312 -3.41 -21.51 -6.54
CA LYS B 312 -2.71 -21.38 -7.81
C LYS B 312 -2.13 -19.98 -8.01
N ALA B 313 -2.93 -18.96 -7.71
CA ALA B 313 -2.48 -17.56 -7.77
C ALA B 313 -1.29 -17.29 -6.83
N SER B 314 -1.38 -17.75 -5.58
CA SER B 314 -0.30 -17.55 -4.60
C SER B 314 1.06 -18.09 -5.06
N ALA B 315 1.05 -19.22 -5.76
CA ALA B 315 2.28 -19.84 -6.27
C ALA B 315 3.00 -18.91 -7.24
N HIS B 316 2.25 -18.35 -8.19
CA HIS B 316 2.77 -17.36 -9.12
C HIS B 316 3.21 -16.07 -8.44
N ALA B 317 2.33 -15.53 -7.58
CA ALA B 317 2.54 -14.23 -6.97
C ALA B 317 3.74 -14.21 -6.03
N SER B 318 3.87 -15.23 -5.19
CA SER B 318 4.99 -15.32 -4.24
C SER B 318 6.35 -15.33 -4.97
N ARG B 319 6.40 -16.00 -6.12
CA ARG B 319 7.61 -16.06 -6.93
C ARG B 319 8.05 -14.68 -7.42
N THR B 320 7.11 -13.91 -7.98
CA THR B 320 7.41 -12.56 -8.47
C THR B 320 7.79 -11.60 -7.33
N LEU B 321 7.05 -11.65 -6.22
CA LEU B 321 7.33 -10.80 -5.08
C LEU B 321 8.72 -11.06 -4.49
N LYS B 322 9.10 -12.33 -4.40
CA LYS B 322 10.43 -12.72 -3.92
C LYS B 322 11.54 -12.06 -4.78
N ALA B 323 11.36 -12.07 -6.10
CA ALA B 323 12.33 -11.43 -7.02
C ALA B 323 12.34 -9.91 -6.89
N VAL B 324 11.16 -9.31 -6.69
CA VAL B 324 11.04 -7.87 -6.48
C VAL B 324 11.76 -7.44 -5.20
N TYR B 325 11.48 -8.15 -4.12
CA TYR B 325 12.11 -7.88 -2.82
C TYR B 325 13.62 -8.08 -2.84
N GLU B 326 14.10 -9.10 -3.54
CA GLU B 326 15.54 -9.29 -3.71
C GLU B 326 16.14 -8.12 -4.49
N ALA B 327 15.47 -7.72 -5.56
CA ALA B 327 15.93 -6.60 -6.41
C ALA B 327 16.02 -5.25 -5.68
N ILE B 328 14.98 -4.88 -4.93
CA ILE B 328 14.95 -3.58 -4.27
C ILE B 328 15.84 -3.50 -3.02
N GLY B 329 16.25 -4.66 -2.50
CA GLY B 329 17.23 -4.74 -1.41
C GLY B 329 16.71 -5.09 -0.03
N PHE B 330 15.54 -5.74 0.06
CA PHE B 330 15.02 -6.18 1.35
C PHE B 330 15.75 -7.44 1.81
N VAL B 331 15.90 -7.57 3.13
CA VAL B 331 16.35 -8.81 3.74
C VAL B 331 15.24 -9.84 3.52
N ALA B 332 15.58 -10.97 2.92
CA ALA B 332 14.60 -12.01 2.60
C ALA B 332 14.06 -12.67 3.87
N LYS B 333 12.75 -12.90 3.89
CA LYS B 333 12.10 -13.63 5.00
C LYS B 333 12.53 -15.10 4.95
N ARG B 334 12.78 -15.69 6.11
CA ARG B 334 13.16 -17.10 6.22
C ARG B 334 12.50 -17.76 7.43
#